data_6KF5
#
_entry.id   6KF5
#
_cell.length_a   70.772
_cell.length_b   129.603
_cell.length_c   219.707
_cell.angle_alpha   90.000
_cell.angle_beta   90.000
_cell.angle_gamma   90.000
#
_symmetry.space_group_name_H-M   'P 21 2 21'
#
loop_
_entity.id
_entity.type
_entity.pdbx_description
1 polymer Lipase
2 non-polymer '(4-nitrophenyl) hexanoate'
3 non-polymer 'HEXANOIC ACID'
4 non-polymer 1,2-ETHANEDIOL
5 non-polymer GLYCEROL
6 non-polymer 'SUPEROXO ION'
7 water water
#
_entity_poly.entity_id   1
_entity_poly.type   'polypeptide(L)'
_entity_poly.pdbx_seq_one_letter_code
;MTDTPFIRPDMKAFLEAIAAMAGPTLAEMTLEEARASYVALHGMADRPARELAVIRNLSCPGPAGDIPLRLYDARESREA
GPVITFYHGGGFVIGDLDTHHNLCTEIAALMDLPVVAVDYRLAPEHPFPAAIEDCEAATRWVASSPSELGRTASGVIPIG
DSAGGNATIVVSQLLGAKPADVPVVLQVPIFPLASDAVGSASLEAFAEGFVLTKASIEFFDTAYKADRADPRGFPILGDH
TAAPPTIVATASLDPLRDSGRDYAKALVEAGRDVVYLEMEGVTHSFTNIRAAVPSTQGDLERIIAAMKMMLGTA
;
_entity_poly.pdbx_strand_id   A,B,C,D
#
# COMPACT_ATOMS: atom_id res chain seq x y z
N THR A 4 24.15 3.38 -3.16
CA THR A 4 25.16 3.73 -4.15
C THR A 4 24.56 3.87 -5.57
N PRO A 5 23.76 2.90 -6.03
CA PRO A 5 23.06 3.11 -7.31
C PRO A 5 21.85 4.00 -7.11
N PHE A 6 21.53 4.77 -8.14
CA PHE A 6 20.40 5.69 -8.08
C PHE A 6 19.09 4.93 -7.95
N ILE A 7 18.27 5.36 -6.99
CA ILE A 7 16.95 4.83 -6.75
C ILE A 7 16.01 6.02 -6.62
N ARG A 8 14.83 5.95 -7.23
CA ARG A 8 13.86 7.03 -7.07
C ARG A 8 13.34 7.04 -5.64
N PRO A 9 12.96 8.21 -5.12
CA PRO A 9 12.42 8.24 -3.75
C PRO A 9 11.19 7.38 -3.58
N ASP A 10 10.22 7.41 -4.51
CA ASP A 10 9.06 6.55 -4.33
C ASP A 10 9.44 5.08 -4.49
N MET A 11 10.45 4.77 -5.31
CA MET A 11 10.92 3.39 -5.41
C MET A 11 11.58 2.95 -4.10
N LYS A 12 12.40 3.81 -3.50
CA LYS A 12 13.09 3.47 -2.26
C LYS A 12 12.09 3.23 -1.12
N ALA A 13 11.01 4.01 -1.07
CA ALA A 13 10.03 3.83 -0.01
C ALA A 13 9.33 2.48 -0.14
N PHE A 14 9.12 2.02 -1.37
CA PHE A 14 8.55 0.69 -1.58
C PHE A 14 9.52 -0.38 -1.12
N LEU A 15 10.81 -0.25 -1.47
CA LEU A 15 11.79 -1.24 -1.03
C LEU A 15 11.88 -1.29 0.49
N GLU A 16 11.77 -0.13 1.15
CA GLU A 16 11.85 -0.09 2.62
C GLU A 16 10.64 -0.79 3.24
N ALA A 17 9.45 -0.64 2.67
CA ALA A 17 8.30 -1.35 3.19
C ALA A 17 8.47 -2.85 3.04
N ILE A 18 9.05 -3.31 1.92
CA ILE A 18 9.31 -4.73 1.76
C ILE A 18 10.33 -5.22 2.77
N ALA A 19 11.42 -4.46 2.93
CA ALA A 19 12.46 -4.84 3.88
C ALA A 19 11.90 -4.95 5.30
N ALA A 20 11.03 -4.02 5.69
CA ALA A 20 10.51 -4.02 7.06
C ALA A 20 9.66 -5.25 7.30
N MET A 21 8.91 -5.69 6.29
CA MET A 21 8.07 -6.87 6.42
C MET A 21 8.89 -8.09 6.81
N ALA A 22 10.10 -8.24 6.26
CA ALA A 22 11.03 -9.30 6.62
C ALA A 22 10.38 -10.67 6.53
N GLY A 23 9.75 -10.94 5.37
CA GLY A 23 9.03 -12.18 5.18
C GLY A 23 9.92 -13.32 4.76
N PRO A 24 9.30 -14.47 4.53
CA PRO A 24 10.06 -15.63 4.05
C PRO A 24 10.42 -15.48 2.58
N THR A 25 11.41 -16.26 2.16
CA THR A 25 11.71 -16.40 0.74
C THR A 25 10.66 -17.29 0.08
N LEU A 26 10.62 -17.26 -1.25
CA LEU A 26 9.65 -18.08 -1.96
C LEU A 26 9.85 -19.56 -1.65
N ALA A 27 11.11 -19.97 -1.50
CA ALA A 27 11.39 -21.38 -1.23
C ALA A 27 10.92 -21.81 0.16
N GLU A 28 10.84 -20.88 1.12
CA GLU A 28 10.38 -21.22 2.47
C GLU A 28 8.86 -21.27 2.59
N MET A 29 8.12 -20.74 1.62
CA MET A 29 6.67 -20.83 1.60
C MET A 29 6.25 -22.14 0.95
N THR A 30 4.99 -22.53 1.16
CA THR A 30 4.45 -23.53 0.27
C THR A 30 4.28 -22.93 -1.14
N LEU A 31 4.12 -23.81 -2.13
CA LEU A 31 3.96 -23.35 -3.50
C LEU A 31 2.75 -22.42 -3.61
N GLU A 32 1.62 -22.82 -3.02
CA GLU A 32 0.42 -21.98 -3.10
C GLU A 32 0.60 -20.69 -2.30
N GLU A 33 1.41 -20.71 -1.25
CA GLU A 33 1.64 -19.47 -0.52
C GLU A 33 2.53 -18.53 -1.33
N ALA A 34 3.49 -19.06 -2.08
CA ALA A 34 4.27 -18.22 -2.99
C ALA A 34 3.36 -17.56 -4.01
N ARG A 35 2.48 -18.35 -4.62
CA ARG A 35 1.56 -17.82 -5.62
C ARG A 35 0.64 -16.76 -5.02
N ALA A 36 0.16 -17.00 -3.81
CA ALA A 36 -0.73 -16.04 -3.17
C ALA A 36 0.02 -14.75 -2.81
N SER A 37 1.29 -14.87 -2.42
CA SER A 37 2.03 -13.67 -2.07
C SER A 37 2.25 -12.78 -3.29
N TYR A 38 2.32 -13.37 -4.49
CA TYR A 38 2.45 -12.61 -5.72
C TYR A 38 1.12 -11.94 -6.10
N VAL A 39 0.00 -12.63 -5.91
CA VAL A 39 -1.31 -12.00 -6.03
C VAL A 39 -1.39 -10.77 -5.13
N ALA A 40 -0.94 -10.91 -3.88
CA ALA A 40 -1.03 -9.80 -2.93
C ALA A 40 -0.07 -8.69 -3.30
N LEU A 41 1.13 -9.03 -3.77
CA LEU A 41 2.11 -8.01 -4.15
C LEU A 41 1.54 -7.06 -5.20
N HIS A 42 1.11 -7.60 -6.35
CA HIS A 42 0.53 -6.77 -7.40
C HIS A 42 -0.80 -6.19 -6.96
N GLY A 43 -1.61 -6.97 -6.25
CA GLY A 43 -2.93 -6.51 -5.85
C GLY A 43 -2.88 -5.25 -5.03
N MET A 44 -1.93 -5.19 -4.10
CA MET A 44 -1.83 -4.04 -3.22
C MET A 44 -0.88 -2.95 -3.75
N ALA A 45 -0.13 -3.20 -4.83
CA ALA A 45 0.78 -2.18 -5.34
C ALA A 45 0.38 -1.60 -6.69
N ASP A 46 -0.42 -2.30 -7.48
CA ASP A 46 -0.73 -1.81 -8.81
C ASP A 46 -1.97 -0.91 -8.80
N ARG A 47 -2.08 -0.08 -9.84
CA ARG A 47 -3.24 0.75 -10.04
C ARG A 47 -4.46 -0.11 -10.37
N PRO A 48 -5.66 0.42 -10.17
CA PRO A 48 -6.86 -0.35 -10.50
C PRO A 48 -7.01 -0.54 -12.00
N ALA A 49 -7.86 -1.49 -12.35
CA ALA A 49 -8.13 -1.79 -13.75
C ALA A 49 -8.84 -0.64 -14.44
N ARG A 50 -8.51 -0.42 -15.71
CA ARG A 50 -9.32 0.44 -16.56
C ARG A 50 -10.65 -0.23 -16.84
N GLU A 51 -11.69 0.60 -17.00
CA GLU A 51 -12.95 0.11 -17.54
C GLU A 51 -12.80 -0.04 -19.04
N LEU A 52 -13.27 -1.17 -19.57
CA LEU A 52 -13.16 -1.47 -20.97
C LEU A 52 -14.52 -1.93 -21.47
N ALA A 53 -14.73 -1.80 -22.77
CA ALA A 53 -15.95 -2.33 -23.38
C ALA A 53 -16.01 -3.86 -23.30
N VAL A 54 -14.87 -4.54 -23.48
CA VAL A 54 -14.85 -6.01 -23.53
C VAL A 54 -13.75 -6.53 -22.61
N ILE A 55 -14.14 -7.37 -21.65
CA ILE A 55 -13.23 -8.22 -20.89
C ILE A 55 -13.89 -9.58 -20.84
N ARG A 56 -13.36 -10.56 -21.55
CA ARG A 56 -14.04 -11.84 -21.48
C ARG A 56 -13.08 -13.02 -21.56
N ASN A 57 -13.43 -14.05 -20.78
CA ASN A 57 -12.68 -15.27 -20.75
C ASN A 57 -13.04 -16.15 -21.93
N LEU A 58 -12.04 -16.82 -22.48
CA LEU A 58 -12.25 -17.82 -23.51
C LEU A 58 -11.10 -18.81 -23.43
N SER A 59 -10.97 -19.65 -24.46
CA SER A 59 -9.90 -20.64 -24.43
C SER A 59 -9.64 -21.06 -25.88
N CYS A 60 -8.49 -21.67 -26.10
CA CYS A 60 -8.20 -22.21 -27.41
C CYS A 60 -7.55 -23.58 -27.23
N PRO A 61 -7.54 -24.42 -28.26
CA PRO A 61 -6.89 -25.73 -28.18
C PRO A 61 -5.39 -25.61 -28.02
N GLY A 62 -4.83 -26.47 -27.16
CA GLY A 62 -3.40 -26.59 -26.98
C GLY A 62 -2.98 -28.06 -26.94
N PRO A 63 -1.67 -28.31 -26.97
CA PRO A 63 -1.20 -29.70 -27.05
C PRO A 63 -1.40 -30.51 -25.79
N ALA A 64 -1.63 -29.85 -24.65
CA ALA A 64 -1.93 -30.56 -23.40
C ALA A 64 -3.40 -30.53 -23.05
N GLY A 65 -4.21 -29.80 -23.80
CA GLY A 65 -5.59 -29.50 -23.49
C GLY A 65 -5.88 -28.04 -23.80
N ASP A 66 -7.05 -27.57 -23.37
CA ASP A 66 -7.46 -26.20 -23.62
C ASP A 66 -6.61 -25.21 -22.81
N ILE A 67 -6.29 -24.09 -23.42
CA ILE A 67 -5.53 -23.01 -22.81
C ILE A 67 -6.50 -21.88 -22.47
N PRO A 68 -6.65 -21.49 -21.20
CA PRO A 68 -7.51 -20.35 -20.88
C PRO A 68 -6.88 -19.04 -21.34
N LEU A 69 -7.73 -18.13 -21.84
CA LEU A 69 -7.32 -16.83 -22.33
C LEU A 69 -8.23 -15.76 -21.75
N ARG A 70 -7.77 -14.50 -21.79
CA ARG A 70 -8.63 -13.37 -21.49
C ARG A 70 -8.43 -12.29 -22.54
N LEU A 71 -9.52 -11.95 -23.23
CA LEU A 71 -9.55 -10.86 -24.19
C LEU A 71 -9.88 -9.55 -23.50
N TYR A 72 -9.08 -8.51 -23.78
CA TYR A 72 -9.34 -7.15 -23.33
C TYR A 72 -9.49 -6.27 -24.56
N ASP A 73 -10.54 -5.45 -24.60
CA ASP A 73 -10.65 -4.51 -25.71
C ASP A 73 -11.42 -3.26 -25.28
N ALA A 74 -10.84 -2.09 -25.60
CA ALA A 74 -11.53 -0.83 -25.37
C ALA A 74 -12.75 -0.65 -26.26
N ARG A 75 -12.83 -1.39 -27.37
CA ARG A 75 -13.93 -1.27 -28.32
C ARG A 75 -14.69 -2.58 -28.40
N GLU A 76 -16.02 -2.49 -28.49
CA GLU A 76 -16.79 -3.71 -28.70
C GLU A 76 -16.72 -4.18 -30.15
N SER A 77 -16.45 -3.29 -31.08
CA SER A 77 -16.41 -3.63 -32.50
C SER A 77 -15.20 -2.93 -33.12
N ARG A 78 -14.39 -3.68 -33.85
CA ARG A 78 -13.24 -3.02 -34.43
C ARG A 78 -12.82 -3.75 -35.69
N GLU A 79 -12.21 -3.00 -36.61
CA GLU A 79 -11.75 -3.52 -37.87
C GLU A 79 -10.46 -4.33 -37.67
N ALA A 80 -10.02 -4.98 -38.75
CA ALA A 80 -8.80 -5.77 -38.71
C ALA A 80 -7.62 -4.89 -38.30
N GLY A 81 -6.74 -5.45 -37.49
CA GLY A 81 -5.56 -4.77 -37.04
C GLY A 81 -4.66 -5.70 -36.25
N PRO A 82 -3.51 -5.21 -35.79
CA PRO A 82 -2.64 -6.06 -34.97
C PRO A 82 -3.33 -6.42 -33.65
N VAL A 83 -3.00 -7.61 -33.14
CA VAL A 83 -3.53 -8.07 -31.85
C VAL A 83 -2.36 -8.33 -30.91
N ILE A 84 -2.44 -7.76 -29.73
CA ILE A 84 -1.39 -7.95 -28.73
C ILE A 84 -1.63 -9.28 -28.05
N THR A 85 -0.58 -10.11 -27.94
CA THR A 85 -0.67 -11.39 -27.25
C THR A 85 0.25 -11.30 -26.03
N PHE A 86 -0.33 -11.37 -24.83
CA PHE A 86 0.37 -11.05 -23.60
C PHE A 86 0.63 -12.30 -22.77
N TYR A 87 1.87 -12.41 -22.25
CA TYR A 87 2.30 -13.53 -21.40
C TYR A 87 2.82 -12.98 -20.07
N HIS A 88 2.18 -13.37 -18.98
CA HIS A 88 2.49 -12.77 -17.69
C HIS A 88 3.85 -13.24 -17.16
N GLY A 89 4.40 -12.45 -16.24
CA GLY A 89 5.58 -12.84 -15.48
C GLY A 89 5.25 -13.72 -14.28
N GLY A 90 6.30 -14.06 -13.52
CA GLY A 90 6.22 -14.99 -12.42
C GLY A 90 7.13 -16.21 -12.52
N GLY A 91 8.21 -16.13 -13.29
CA GLY A 91 9.21 -17.20 -13.28
C GLY A 91 8.77 -18.51 -13.90
N PHE A 92 7.67 -18.51 -14.67
CA PHE A 92 6.98 -19.71 -15.14
C PHE A 92 6.46 -20.58 -13.98
N VAL A 93 6.42 -20.03 -12.77
CA VAL A 93 5.95 -20.77 -11.60
C VAL A 93 4.71 -20.12 -10.98
N ILE A 94 4.66 -18.79 -10.96
CA ILE A 94 3.60 -18.05 -10.30
C ILE A 94 3.01 -17.06 -11.30
N GLY A 95 2.03 -16.30 -10.84
CA GLY A 95 1.27 -15.42 -11.71
C GLY A 95 0.17 -16.16 -12.46
N ASP A 96 -0.81 -15.39 -12.92
CA ASP A 96 -1.94 -15.96 -13.67
C ASP A 96 -2.65 -14.80 -14.37
N LEU A 97 -3.91 -15.03 -14.78
CA LEU A 97 -4.63 -13.98 -15.49
C LEU A 97 -4.96 -12.79 -14.58
N ASP A 98 -5.05 -13.01 -13.27
CA ASP A 98 -5.45 -11.94 -12.36
C ASP A 98 -4.29 -11.08 -11.87
N THR A 99 -3.10 -11.67 -11.70
CA THR A 99 -1.96 -10.90 -11.21
C THR A 99 -1.56 -9.82 -12.20
N HIS A 100 -1.84 -10.01 -13.48
CA HIS A 100 -1.46 -9.03 -14.49
C HIS A 100 -2.69 -8.43 -15.15
N HIS A 101 -3.88 -8.66 -14.58
CA HIS A 101 -5.13 -8.21 -15.18
C HIS A 101 -5.15 -6.69 -15.33
N ASN A 102 -4.82 -5.96 -14.26
CA ASN A 102 -4.95 -4.50 -14.34
C ASN A 102 -3.99 -3.92 -15.36
N LEU A 103 -2.77 -4.46 -15.43
CA LEU A 103 -1.81 -4.01 -16.44
C LEU A 103 -2.34 -4.27 -17.85
N CYS A 104 -2.97 -5.44 -18.06
CA CYS A 104 -3.58 -5.72 -19.35
C CYS A 104 -4.65 -4.69 -19.74
N THR A 105 -5.53 -4.31 -18.80
CA THR A 105 -6.53 -3.31 -19.15
C THR A 105 -5.86 -1.98 -19.48
N GLU A 106 -4.76 -1.68 -18.79
CA GLU A 106 -4.02 -0.46 -19.06
C GLU A 106 -3.40 -0.49 -20.45
N ILE A 107 -2.81 -1.63 -20.85
CA ILE A 107 -2.25 -1.74 -22.19
C ILE A 107 -3.34 -1.59 -23.25
N ALA A 108 -4.47 -2.28 -23.06
CA ALA A 108 -5.58 -2.18 -24.00
C ALA A 108 -6.10 -0.75 -24.11
N ALA A 109 -6.30 -0.07 -22.98
CA ALA A 109 -6.79 1.30 -23.00
C ALA A 109 -5.82 2.23 -23.72
N LEU A 110 -4.54 2.18 -23.34
CA LEU A 110 -3.58 3.14 -23.87
C LEU A 110 -3.19 2.83 -25.32
N MET A 111 -3.16 1.55 -25.73
CA MET A 111 -2.85 1.23 -27.11
C MET A 111 -4.05 1.33 -28.03
N ASP A 112 -5.27 1.20 -27.49
CA ASP A 112 -6.46 1.05 -28.31
C ASP A 112 -6.27 -0.09 -29.32
N LEU A 113 -5.80 -1.22 -28.81
CA LEU A 113 -5.72 -2.48 -29.53
C LEU A 113 -6.25 -3.58 -28.62
N PRO A 114 -6.79 -4.66 -29.19
CA PRO A 114 -7.19 -5.79 -28.35
C PRO A 114 -5.97 -6.48 -27.77
N VAL A 115 -6.10 -6.94 -26.53
CA VAL A 115 -5.05 -7.68 -25.85
C VAL A 115 -5.61 -9.06 -25.50
N VAL A 116 -4.88 -10.11 -25.85
CA VAL A 116 -5.22 -11.47 -25.44
C VAL A 116 -4.13 -11.96 -24.48
N ALA A 117 -4.47 -12.13 -23.21
CA ALA A 117 -3.53 -12.69 -22.25
C ALA A 117 -3.69 -14.20 -22.19
N VAL A 118 -2.58 -14.89 -21.96
CA VAL A 118 -2.52 -16.34 -21.98
C VAL A 118 -2.31 -16.89 -20.56
N ASP A 119 -3.19 -17.81 -20.15
CA ASP A 119 -3.07 -18.48 -18.85
C ASP A 119 -2.30 -19.80 -19.04
N TYR A 120 -1.00 -19.67 -19.28
CA TYR A 120 -0.21 -20.82 -19.73
C TYR A 120 0.11 -21.74 -18.53
N ARG A 121 0.39 -23.01 -18.84
CA ARG A 121 0.72 -23.98 -17.82
C ARG A 121 2.00 -23.61 -17.08
N LEU A 122 2.00 -23.84 -15.76
CA LEU A 122 3.04 -23.43 -14.83
C LEU A 122 3.84 -24.61 -14.30
N ALA A 123 5.12 -24.37 -14.06
CA ALA A 123 5.99 -25.24 -13.26
C ALA A 123 5.75 -25.02 -11.76
N PRO A 124 6.12 -25.98 -10.90
CA PRO A 124 6.77 -27.27 -11.14
C PRO A 124 5.83 -28.33 -11.69
N GLU A 125 4.52 -28.12 -11.65
CA GLU A 125 3.59 -29.13 -12.16
C GLU A 125 3.87 -29.45 -13.62
N HIS A 126 4.13 -28.43 -14.44
CA HIS A 126 4.42 -28.60 -15.86
C HIS A 126 5.78 -27.97 -16.13
N PRO A 127 6.85 -28.75 -16.19
CA PRO A 127 8.18 -28.18 -16.43
C PRO A 127 8.30 -27.64 -17.84
N PHE A 128 9.40 -26.91 -18.07
CA PHE A 128 9.87 -26.50 -19.39
C PHE A 128 9.71 -27.66 -20.37
N PRO A 129 9.16 -27.43 -21.58
CA PRO A 129 8.74 -26.14 -22.14
C PRO A 129 7.21 -25.90 -22.15
N ALA A 130 6.50 -26.37 -21.12
CA ALA A 130 5.04 -26.29 -21.14
C ALA A 130 4.56 -24.85 -21.33
N ALA A 131 5.13 -23.90 -20.58
CA ALA A 131 4.68 -22.51 -20.73
C ALA A 131 4.86 -22.03 -22.15
N ILE A 132 6.00 -22.37 -22.76
CA ILE A 132 6.28 -21.97 -24.14
C ILE A 132 5.31 -22.62 -25.12
N GLU A 133 4.99 -23.91 -24.91
CA GLU A 133 4.02 -24.57 -25.77
C GLU A 133 2.70 -23.81 -25.79
N ASP A 134 2.22 -23.41 -24.60
CA ASP A 134 0.92 -22.74 -24.52
C ASP A 134 0.98 -21.32 -25.06
N CYS A 135 2.06 -20.59 -24.76
CA CYS A 135 2.19 -19.25 -25.32
C CYS A 135 2.24 -19.30 -26.85
N GLU A 136 2.98 -20.25 -27.41
CA GLU A 136 3.05 -20.36 -28.86
C GLU A 136 1.69 -20.76 -29.45
N ALA A 137 1.06 -21.78 -28.87
CA ALA A 137 -0.22 -22.24 -29.42
C ALA A 137 -1.26 -21.13 -29.38
N ALA A 138 -1.35 -20.42 -28.26
CA ALA A 138 -2.31 -19.31 -28.16
C ALA A 138 -2.02 -18.21 -29.17
N THR A 139 -0.75 -17.86 -29.36
CA THR A 139 -0.39 -16.80 -30.31
C THR A 139 -0.75 -17.21 -31.74
N ARG A 140 -0.45 -18.45 -32.14
CA ARG A 140 -0.86 -18.94 -33.46
C ARG A 140 -2.38 -18.93 -33.59
N TRP A 141 -3.09 -19.30 -32.53
CA TRP A 141 -4.55 -19.32 -32.57
C TRP A 141 -5.11 -17.93 -32.81
N VAL A 142 -4.63 -16.94 -32.04
CA VAL A 142 -5.04 -15.55 -32.24
C VAL A 142 -4.75 -15.12 -33.68
N ALA A 143 -3.54 -15.44 -34.15
CA ALA A 143 -3.10 -15.04 -35.48
C ALA A 143 -3.95 -15.65 -36.58
N SER A 144 -4.76 -16.67 -36.26
CA SER A 144 -5.63 -17.27 -37.26
C SER A 144 -6.99 -16.59 -37.36
N SER A 145 -7.21 -15.51 -36.62
CA SER A 145 -8.48 -14.81 -36.58
C SER A 145 -9.66 -15.75 -36.35
N PRO A 146 -9.69 -16.46 -35.22
CA PRO A 146 -10.79 -17.39 -34.99
C PRO A 146 -12.09 -16.65 -34.71
N SER A 147 -13.20 -17.31 -35.01
CA SER A 147 -14.51 -16.69 -34.86
C SER A 147 -14.76 -16.29 -33.41
N GLU A 148 -14.38 -17.14 -32.46
CA GLU A 148 -14.60 -16.89 -31.04
C GLU A 148 -13.91 -15.62 -30.54
N LEU A 149 -12.88 -15.14 -31.24
CA LEU A 149 -12.21 -13.93 -30.79
C LEU A 149 -12.99 -12.67 -31.15
N GLY A 150 -13.76 -12.70 -32.24
CA GLY A 150 -14.51 -11.53 -32.66
C GLY A 150 -13.67 -10.42 -33.23
N ARG A 151 -12.37 -10.65 -33.39
CA ARG A 151 -11.43 -9.66 -33.91
C ARG A 151 -10.64 -10.34 -35.01
N THR A 152 -10.36 -9.61 -36.09
CA THR A 152 -9.49 -10.11 -37.14
C THR A 152 -8.09 -9.57 -36.90
N ALA A 153 -7.09 -10.45 -37.03
CA ALA A 153 -5.70 -10.10 -36.77
C ALA A 153 -4.97 -9.94 -38.09
N SER A 154 -4.36 -8.77 -38.30
CA SER A 154 -3.45 -8.55 -39.41
C SER A 154 -2.01 -8.83 -39.03
N GLY A 155 -1.76 -9.07 -37.75
CA GLY A 155 -0.42 -9.24 -37.23
C GLY A 155 -0.57 -9.47 -35.74
N VAL A 156 0.47 -10.01 -35.13
CA VAL A 156 0.43 -10.22 -33.69
C VAL A 156 1.58 -9.46 -33.06
N ILE A 157 1.38 -9.09 -31.79
CA ILE A 157 2.33 -8.31 -31.01
C ILE A 157 2.60 -9.05 -29.71
N PRO A 158 3.56 -9.97 -29.68
CA PRO A 158 3.89 -10.64 -28.42
C PRO A 158 4.46 -9.64 -27.43
N ILE A 159 4.00 -9.74 -26.18
CA ILE A 159 4.50 -8.85 -25.13
C ILE A 159 4.40 -9.60 -23.83
N GLY A 160 5.33 -9.31 -22.93
CA GLY A 160 5.29 -10.01 -21.66
C GLY A 160 6.37 -9.50 -20.75
N ASP A 161 6.17 -9.64 -19.44
CA ASP A 161 7.13 -9.16 -18.44
C ASP A 161 7.88 -10.34 -17.86
N SER A 162 9.21 -10.22 -17.81
CA SER A 162 10.07 -11.14 -17.08
C SER A 162 10.06 -12.52 -17.75
N ALA A 163 9.59 -13.58 -17.07
CA ALA A 163 9.37 -14.84 -17.77
C ALA A 163 8.49 -14.64 -18.98
N GLY A 164 7.52 -13.71 -18.90
CA GLY A 164 6.72 -13.39 -20.06
C GLY A 164 7.53 -12.73 -21.16
N GLY A 165 8.57 -11.99 -20.80
CA GLY A 165 9.48 -11.46 -21.80
C GLY A 165 10.34 -12.54 -22.44
N ASN A 166 10.76 -13.52 -21.66
CA ASN A 166 11.36 -14.72 -22.22
C ASN A 166 10.41 -15.35 -23.25
N ALA A 167 9.16 -15.60 -22.84
CA ALA A 167 8.19 -16.22 -23.74
C ALA A 167 7.96 -15.36 -24.98
N THR A 168 7.96 -14.04 -24.81
CA THR A 168 7.81 -13.14 -25.95
C THR A 168 8.85 -13.43 -27.02
N ILE A 169 10.12 -13.50 -26.62
CA ILE A 169 11.21 -13.68 -27.59
C ILE A 169 11.15 -15.09 -28.20
N VAL A 170 10.92 -16.11 -27.37
CA VAL A 170 10.83 -17.47 -27.88
C VAL A 170 9.68 -17.59 -28.88
N VAL A 171 8.52 -17.04 -28.52
CA VAL A 171 7.37 -17.09 -29.44
C VAL A 171 7.73 -16.41 -30.75
N SER A 172 8.45 -15.28 -30.68
CA SER A 172 8.85 -14.58 -31.89
C SER A 172 9.80 -15.43 -32.73
N GLN A 173 10.73 -16.12 -32.07
CA GLN A 173 11.66 -16.99 -32.79
C GLN A 173 10.94 -18.20 -33.38
N LEU A 174 10.00 -18.78 -32.65
CA LEU A 174 9.27 -19.94 -33.15
C LEU A 174 8.38 -19.57 -34.34
N LEU A 175 7.67 -18.44 -34.26
CA LEU A 175 6.85 -18.03 -35.38
C LEU A 175 7.69 -17.54 -36.55
N GLY A 176 8.87 -17.00 -36.27
CA GLY A 176 9.76 -16.66 -37.36
C GLY A 176 10.19 -17.87 -38.15
N ALA A 177 10.49 -18.97 -37.47
CA ALA A 177 10.91 -20.19 -38.17
C ALA A 177 9.74 -20.91 -38.85
N LYS A 178 8.54 -20.85 -38.27
CA LYS A 178 7.36 -21.49 -38.87
C LYS A 178 6.20 -20.52 -38.77
N PRO A 179 5.98 -19.69 -39.81
CA PRO A 179 5.07 -18.55 -39.66
C PRO A 179 3.65 -18.97 -39.30
N ALA A 180 3.00 -18.13 -38.49
CA ALA A 180 1.58 -18.24 -38.24
C ALA A 180 0.82 -17.65 -39.44
N ASP A 181 -0.51 -17.51 -39.32
CA ASP A 181 -1.30 -16.97 -40.43
C ASP A 181 -0.95 -15.52 -40.74
N VAL A 182 -0.49 -14.74 -39.76
CA VAL A 182 -0.02 -13.38 -39.97
C VAL A 182 1.30 -13.23 -39.22
N PRO A 183 2.11 -12.23 -39.58
CA PRO A 183 3.44 -12.15 -38.97
C PRO A 183 3.41 -11.50 -37.58
N VAL A 184 4.51 -11.71 -36.86
CA VAL A 184 4.80 -10.90 -35.70
C VAL A 184 5.23 -9.53 -36.20
N VAL A 185 4.44 -8.49 -35.92
CA VAL A 185 4.79 -7.17 -36.42
C VAL A 185 5.66 -6.39 -35.44
N LEU A 186 5.71 -6.81 -34.18
CA LEU A 186 6.47 -6.13 -33.16
C LEU A 186 6.49 -7.03 -31.94
N GLN A 187 7.60 -7.07 -31.21
CA GLN A 187 7.66 -7.79 -29.94
C GLN A 187 8.17 -6.85 -28.85
N VAL A 188 7.69 -7.07 -27.63
CA VAL A 188 7.96 -6.13 -26.55
C VAL A 188 8.36 -6.96 -25.32
N PRO A 189 9.56 -7.53 -25.26
CA PRO A 189 9.96 -8.21 -24.02
C PRO A 189 10.31 -7.18 -22.97
N ILE A 190 9.64 -7.25 -21.82
CA ILE A 190 9.82 -6.31 -20.72
C ILE A 190 10.55 -7.02 -19.60
N PHE A 191 11.62 -6.39 -19.08
CA PHE A 191 12.69 -6.96 -18.27
C PHE A 191 12.76 -8.47 -18.45
N PRO A 192 13.10 -8.94 -19.65
CA PRO A 192 13.06 -10.37 -19.94
C PRO A 192 14.27 -11.12 -19.39
N LEU A 193 14.06 -12.42 -19.19
CA LEU A 193 15.16 -13.38 -19.10
C LEU A 193 15.46 -13.86 -20.51
N ALA A 194 16.57 -13.41 -21.08
CA ALA A 194 16.96 -13.78 -22.44
C ALA A 194 18.20 -14.65 -22.46
N SER A 195 19.21 -14.26 -21.69
CA SER A 195 20.42 -15.05 -21.47
C SER A 195 20.45 -15.50 -20.01
N ASP A 196 21.20 -16.57 -19.76
CA ASP A 196 21.43 -17.03 -18.41
C ASP A 196 22.03 -15.91 -17.55
N ALA A 197 21.37 -15.56 -16.45
CA ALA A 197 21.86 -14.45 -15.62
C ALA A 197 23.03 -14.83 -14.73
N VAL A 198 23.24 -16.13 -14.49
CA VAL A 198 24.31 -16.56 -13.58
C VAL A 198 25.63 -16.03 -14.10
N GLY A 199 26.37 -15.35 -13.23
CA GLY A 199 27.64 -14.77 -13.63
C GLY A 199 27.60 -13.33 -14.07
N SER A 200 26.42 -12.77 -14.34
CA SER A 200 26.33 -11.38 -14.78
C SER A 200 26.55 -10.43 -13.62
N ALA A 201 27.10 -9.24 -13.92
CA ALA A 201 27.33 -8.24 -12.89
C ALA A 201 26.04 -7.79 -12.23
N SER A 202 24.96 -7.62 -12.99
CA SER A 202 23.72 -7.11 -12.39
C SER A 202 23.12 -8.12 -11.41
N LEU A 203 23.27 -9.42 -11.69
CA LEU A 203 22.75 -10.42 -10.76
C LEU A 203 23.40 -10.27 -9.38
N GLU A 204 24.72 -10.10 -9.35
CA GLU A 204 25.40 -9.95 -8.06
C GLU A 204 25.12 -8.59 -7.44
N ALA A 205 25.05 -7.53 -8.25
CA ALA A 205 24.82 -6.21 -7.68
C ALA A 205 23.42 -6.10 -7.07
N PHE A 206 22.43 -6.73 -7.69
CA PHE A 206 21.05 -6.57 -7.22
C PHE A 206 20.48 -7.87 -6.69
N ALA A 207 21.34 -8.72 -6.09
CA ALA A 207 20.93 -10.04 -5.62
C ALA A 207 19.88 -9.97 -4.52
N GLU A 208 19.88 -8.92 -3.70
CA GLU A 208 18.95 -8.80 -2.59
C GLU A 208 18.46 -7.37 -2.48
N GLY A 209 17.21 -7.21 -2.08
CA GLY A 209 16.69 -5.90 -1.75
C GLY A 209 16.08 -5.13 -2.90
N PHE A 210 15.84 -5.76 -4.05
CA PHE A 210 15.30 -5.04 -5.21
C PHE A 210 14.11 -5.78 -5.79
N VAL A 211 13.18 -6.21 -4.92
CA VAL A 211 11.94 -6.91 -5.27
C VAL A 211 12.24 -8.31 -5.79
N LEU A 212 12.82 -8.41 -6.99
CA LEU A 212 13.27 -9.69 -7.52
C LEU A 212 14.64 -10.02 -6.97
N THR A 213 14.77 -11.17 -6.31
CA THR A 213 16.03 -11.55 -5.70
C THR A 213 16.68 -12.71 -6.44
N LYS A 214 17.98 -12.84 -6.23
CA LYS A 214 18.72 -14.00 -6.72
C LYS A 214 18.09 -15.30 -6.22
N ALA A 215 17.67 -15.33 -4.95
CA ALA A 215 17.07 -16.56 -4.42
C ALA A 215 15.78 -16.90 -5.17
N SER A 216 14.96 -15.90 -5.48
CA SER A 216 13.73 -16.16 -6.24
C SER A 216 14.06 -16.70 -7.64
N ILE A 217 15.03 -16.09 -8.33
CA ILE A 217 15.45 -16.57 -9.64
C ILE A 217 15.80 -18.05 -9.57
N GLU A 218 16.59 -18.44 -8.55
CA GLU A 218 16.99 -19.82 -8.38
C GLU A 218 15.79 -20.71 -8.02
N PHE A 219 14.86 -20.20 -7.19
CA PHE A 219 13.63 -20.95 -6.93
C PHE A 219 12.85 -21.21 -8.23
N PHE A 220 12.69 -20.19 -9.07
CA PHE A 220 12.00 -20.41 -10.34
C PHE A 220 12.76 -21.38 -11.23
N ASP A 221 14.09 -21.22 -11.31
CA ASP A 221 14.89 -22.05 -12.21
C ASP A 221 14.78 -23.53 -11.85
N THR A 222 14.87 -23.84 -10.55
CA THR A 222 14.77 -25.24 -10.11
C THR A 222 13.41 -25.84 -10.46
N ALA A 223 12.33 -25.06 -10.36
CA ALA A 223 11.01 -25.59 -10.67
C ALA A 223 10.81 -25.80 -12.17
N TYR A 224 11.27 -24.84 -12.99
CA TYR A 224 10.96 -24.85 -14.42
C TYR A 224 11.88 -25.79 -15.20
N LYS A 225 13.15 -25.89 -14.80
CA LYS A 225 14.09 -26.85 -15.39
C LYS A 225 14.34 -26.62 -16.89
N ALA A 226 14.51 -25.36 -17.27
CA ALA A 226 14.85 -25.08 -18.65
C ALA A 226 16.25 -25.60 -18.99
N ASP A 227 16.38 -26.18 -20.18
CA ASP A 227 17.65 -26.68 -20.68
C ASP A 227 18.57 -25.52 -21.07
N ARG A 228 19.77 -25.46 -20.48
CA ARG A 228 20.68 -24.33 -20.68
C ARG A 228 21.19 -24.20 -22.12
N ALA A 229 21.13 -25.27 -22.90
CA ALA A 229 21.58 -25.24 -24.28
C ALA A 229 20.42 -25.05 -25.26
N ASP A 230 19.20 -24.92 -24.74
CA ASP A 230 17.99 -24.91 -25.54
C ASP A 230 17.55 -23.47 -25.76
N PRO A 231 17.50 -22.98 -27.00
CA PRO A 231 17.06 -21.59 -27.22
C PRO A 231 15.61 -21.32 -26.81
N ARG A 232 14.79 -22.35 -26.65
CA ARG A 232 13.46 -22.13 -26.08
C ARG A 232 13.54 -21.83 -24.58
N GLY A 233 14.68 -22.11 -23.94
CA GLY A 233 14.85 -21.75 -22.55
C GLY A 233 15.59 -20.45 -22.43
N PHE A 234 16.55 -20.23 -23.32
CA PHE A 234 17.43 -19.08 -23.24
C PHE A 234 17.58 -18.52 -24.64
N PRO A 235 16.64 -17.65 -25.05
CA PRO A 235 16.54 -17.27 -26.46
C PRO A 235 17.68 -16.39 -26.95
N ILE A 236 18.60 -15.97 -26.08
CA ILE A 236 19.83 -15.38 -26.59
C ILE A 236 20.54 -16.35 -27.53
N LEU A 237 20.33 -17.66 -27.36
CA LEU A 237 20.96 -18.69 -28.19
C LEU A 237 20.31 -18.83 -29.56
N GLY A 238 19.17 -18.18 -29.79
CA GLY A 238 18.44 -18.38 -31.03
C GLY A 238 19.01 -17.57 -32.19
N ASP A 239 18.40 -17.78 -33.35
CA ASP A 239 18.76 -17.08 -34.58
C ASP A 239 18.12 -15.69 -34.57
N HIS A 240 18.92 -14.64 -34.49
CA HIS A 240 18.39 -13.28 -34.44
C HIS A 240 18.31 -12.59 -35.80
N THR A 241 18.73 -13.26 -36.89
CA THR A 241 18.91 -12.59 -38.16
C THR A 241 17.60 -12.09 -38.77
N ALA A 242 16.46 -12.67 -38.40
CA ALA A 242 15.18 -12.18 -38.90
C ALA A 242 14.26 -11.73 -37.77
N ALA A 243 14.81 -11.32 -36.63
CA ALA A 243 13.96 -10.93 -35.52
C ALA A 243 13.03 -9.79 -35.93
N PRO A 244 11.77 -9.81 -35.49
CA PRO A 244 10.86 -8.73 -35.82
C PRO A 244 11.28 -7.43 -35.15
N PRO A 245 10.68 -6.29 -35.51
CA PRO A 245 10.95 -5.05 -34.77
C PRO A 245 10.71 -5.29 -33.28
N THR A 246 11.57 -4.71 -32.43
CA THR A 246 11.62 -5.07 -31.02
C THR A 246 11.72 -3.83 -30.14
N ILE A 247 11.03 -3.85 -29.00
CA ILE A 247 11.26 -2.92 -27.90
C ILE A 247 11.70 -3.76 -26.70
N VAL A 248 12.93 -3.57 -26.26
CA VAL A 248 13.42 -4.16 -25.03
C VAL A 248 13.38 -3.08 -23.95
N ALA A 249 12.66 -3.35 -22.87
CA ALA A 249 12.59 -2.45 -21.74
C ALA A 249 13.16 -3.16 -20.52
N THR A 250 14.11 -2.52 -19.84
CA THR A 250 14.72 -3.07 -18.64
C THR A 250 14.60 -2.05 -17.52
N ALA A 251 15.02 -2.48 -16.33
CA ALA A 251 15.08 -1.60 -15.17
C ALA A 251 16.53 -1.53 -14.72
N SER A 252 16.98 -0.33 -14.34
CA SER A 252 18.40 -0.19 -13.98
C SER A 252 18.76 -0.94 -12.71
N LEU A 253 17.79 -1.31 -11.86
CA LEU A 253 18.11 -1.99 -10.61
C LEU A 253 17.75 -3.47 -10.62
N ASP A 254 17.69 -4.08 -11.77
CA ASP A 254 17.18 -5.44 -11.95
C ASP A 254 18.34 -6.43 -12.02
N PRO A 255 18.38 -7.50 -11.22
CA PRO A 255 19.44 -8.50 -11.43
C PRO A 255 19.44 -9.07 -12.83
N LEU A 256 18.30 -9.03 -13.53
CA LEU A 256 18.19 -9.50 -14.90
C LEU A 256 18.51 -8.40 -15.92
N ARG A 257 18.88 -7.21 -15.45
CA ARG A 257 19.12 -6.08 -16.35
C ARG A 257 20.12 -6.45 -17.46
N ASP A 258 21.26 -7.05 -17.10
CA ASP A 258 22.28 -7.35 -18.10
C ASP A 258 21.79 -8.37 -19.12
N SER A 259 20.88 -9.27 -18.73
CA SER A 259 20.25 -10.18 -19.68
C SER A 259 19.48 -9.40 -20.75
N GLY A 260 18.77 -8.34 -20.38
CA GLY A 260 18.06 -7.54 -21.36
C GLY A 260 19.01 -6.72 -22.21
N ARG A 261 20.04 -6.14 -21.58
CA ARG A 261 21.11 -5.50 -22.36
C ARG A 261 21.70 -6.45 -23.38
N ASP A 262 22.02 -7.68 -22.96
CA ASP A 262 22.62 -8.63 -23.91
C ASP A 262 21.70 -8.89 -25.09
N TYR A 263 20.39 -9.01 -24.85
CA TYR A 263 19.52 -9.33 -25.96
C TYR A 263 19.44 -8.17 -26.95
N ALA A 264 19.31 -6.94 -26.44
CA ALA A 264 19.26 -5.77 -27.30
C ALA A 264 20.55 -5.65 -28.11
N LYS A 265 21.69 -5.87 -27.47
CA LYS A 265 22.96 -5.82 -28.19
C LYS A 265 23.01 -6.88 -29.29
N ALA A 266 22.45 -8.07 -29.02
CA ALA A 266 22.45 -9.12 -30.03
C ALA A 266 21.60 -8.73 -31.23
N LEU A 267 20.51 -8.00 -31.00
CA LEU A 267 19.67 -7.56 -32.11
C LEU A 267 20.40 -6.51 -32.96
N VAL A 268 21.10 -5.58 -32.31
CA VAL A 268 21.91 -4.60 -33.04
C VAL A 268 23.00 -5.31 -33.85
N GLU A 269 23.71 -6.24 -33.19
CA GLU A 269 24.74 -7.02 -33.87
C GLU A 269 24.21 -7.69 -35.13
N ALA A 270 22.96 -8.15 -35.10
CA ALA A 270 22.35 -8.78 -36.27
C ALA A 270 21.65 -7.79 -37.20
N GLY A 271 21.77 -6.48 -36.95
CA GLY A 271 21.18 -5.51 -37.85
C GLY A 271 19.67 -5.36 -37.76
N ARG A 272 19.05 -5.72 -36.63
CA ARG A 272 17.61 -5.62 -36.47
C ARG A 272 17.24 -4.29 -35.83
N ASP A 273 16.03 -3.81 -36.13
CA ASP A 273 15.56 -2.56 -35.53
C ASP A 273 15.15 -2.82 -34.08
N VAL A 274 15.67 -2.02 -33.13
CA VAL A 274 15.34 -2.24 -31.72
C VAL A 274 15.32 -0.90 -30.98
N VAL A 275 14.30 -0.71 -30.13
CA VAL A 275 14.27 0.36 -29.15
C VAL A 275 14.71 -0.23 -27.81
N TYR A 276 15.78 0.29 -27.23
CA TYR A 276 16.24 -0.17 -25.93
C TYR A 276 15.97 0.94 -24.91
N LEU A 277 15.08 0.65 -23.96
CA LEU A 277 14.74 1.59 -22.88
C LEU A 277 15.13 0.99 -21.54
N GLU A 278 15.97 1.69 -20.79
CA GLU A 278 16.39 1.24 -19.47
C GLU A 278 15.87 2.25 -18.45
N MET A 279 14.85 1.85 -17.69
CA MET A 279 14.19 2.77 -16.77
C MET A 279 15.08 3.01 -15.56
N GLU A 280 15.35 4.28 -15.28
CA GLU A 280 16.38 4.64 -14.31
C GLU A 280 15.78 4.75 -12.91
N GLY A 281 16.41 4.08 -11.96
CA GLY A 281 16.04 4.20 -10.57
C GLY A 281 14.87 3.36 -10.12
N VAL A 282 14.45 2.37 -10.92
CA VAL A 282 13.39 1.46 -10.53
C VAL A 282 13.85 0.03 -10.75
N THR A 283 13.04 -0.90 -10.26
CA THR A 283 13.36 -2.31 -10.19
C THR A 283 12.56 -3.13 -11.18
N HIS A 284 12.90 -4.41 -11.25
CA HIS A 284 12.04 -5.44 -11.81
C HIS A 284 10.60 -5.24 -11.32
N SER A 285 9.62 -5.64 -12.14
CA SER A 285 8.21 -5.61 -11.82
C SER A 285 7.60 -4.21 -11.86
N PHE A 286 8.32 -3.21 -12.39
CA PHE A 286 7.80 -1.84 -12.31
C PHE A 286 6.49 -1.66 -13.08
N THR A 287 6.16 -2.55 -14.02
CA THR A 287 4.89 -2.43 -14.74
C THR A 287 3.68 -2.74 -13.85
N ASN A 288 3.88 -3.38 -12.69
CA ASN A 288 2.76 -3.81 -11.86
C ASN A 288 2.79 -3.21 -10.46
N ILE A 289 3.50 -2.11 -10.26
CA ILE A 289 3.55 -1.49 -8.94
C ILE A 289 3.23 0.00 -9.10
N ARG A 290 2.32 0.30 -10.02
CA ARG A 290 2.10 1.66 -10.48
C ARG A 290 1.31 2.51 -9.48
N ALA A 291 0.64 1.89 -8.51
CA ALA A 291 0.03 2.67 -7.43
C ALA A 291 1.04 2.94 -6.32
N ALA A 292 1.73 1.89 -5.84
CA ALA A 292 2.65 2.06 -4.72
C ALA A 292 3.87 2.88 -5.11
N VAL A 293 4.27 2.84 -6.38
CA VAL A 293 5.41 3.61 -6.88
C VAL A 293 4.92 4.42 -8.07
N PRO A 294 4.27 5.58 -7.83
CA PRO A 294 3.54 6.26 -8.91
C PRO A 294 4.39 6.60 -10.12
N SER A 295 5.69 6.83 -9.94
CA SER A 295 6.53 7.19 -11.08
C SER A 295 6.58 6.09 -12.15
N THR A 296 6.24 4.85 -11.79
CA THR A 296 6.33 3.75 -12.74
C THR A 296 5.21 3.78 -13.78
N GLN A 297 4.09 4.45 -13.48
CA GLN A 297 3.10 4.68 -14.54
C GLN A 297 3.76 5.37 -15.75
N GLY A 298 4.60 6.37 -15.49
CA GLY A 298 5.30 7.04 -16.59
C GLY A 298 6.21 6.10 -17.36
N ASP A 299 6.89 5.18 -16.64
CA ASP A 299 7.71 4.19 -17.32
C ASP A 299 6.87 3.37 -18.29
N LEU A 300 5.72 2.87 -17.84
CA LEU A 300 4.84 2.13 -18.74
C LEU A 300 4.44 2.98 -19.94
N GLU A 301 4.15 4.27 -19.71
CA GLU A 301 3.69 5.13 -20.79
C GLU A 301 4.77 5.34 -21.84
N ARG A 302 6.05 5.33 -21.43
CA ARG A 302 7.15 5.39 -22.39
C ARG A 302 7.18 4.16 -23.29
N ILE A 303 6.99 2.97 -22.71
CA ILE A 303 6.88 1.75 -23.50
C ILE A 303 5.73 1.86 -24.49
N ILE A 304 4.57 2.34 -24.02
CA ILE A 304 3.41 2.51 -24.90
C ILE A 304 3.74 3.46 -26.06
N ALA A 305 4.41 4.58 -25.76
CA ALA A 305 4.76 5.52 -26.81
C ALA A 305 5.72 4.89 -27.82
N ALA A 306 6.72 4.14 -27.33
CA ALA A 306 7.62 3.40 -28.22
C ALA A 306 6.85 2.41 -29.09
N MET A 307 5.83 1.76 -28.53
CA MET A 307 5.06 0.77 -29.29
C MET A 307 4.30 1.43 -30.44
N LYS A 308 3.63 2.56 -30.15
CA LYS A 308 2.89 3.26 -31.22
C LYS A 308 3.83 3.70 -32.33
N MET A 309 5.00 4.21 -31.94
CA MET A 309 5.99 4.61 -32.93
C MET A 309 6.41 3.42 -33.79
N MET A 310 6.70 2.28 -33.15
CA MET A 310 7.21 1.14 -33.91
C MET A 310 6.14 0.48 -34.76
N LEU A 311 4.86 0.67 -34.43
CA LEU A 311 3.76 0.17 -35.26
C LEU A 311 3.45 1.09 -36.43
N GLY A 312 3.94 2.31 -36.41
CA GLY A 312 3.76 3.21 -37.54
C GLY A 312 2.44 3.93 -37.42
N THR B 4 24.20 -11.14 -53.60
CA THR B 4 23.95 -11.81 -52.32
C THR B 4 23.16 -10.92 -51.34
N PRO B 5 23.70 -9.76 -50.91
CA PRO B 5 22.97 -8.97 -49.92
C PRO B 5 21.73 -8.31 -50.52
N PHE B 6 20.71 -8.14 -49.68
CA PHE B 6 19.47 -7.58 -50.17
C PHE B 6 19.65 -6.11 -50.56
N ILE B 7 19.11 -5.75 -51.71
CA ILE B 7 19.13 -4.38 -52.19
C ILE B 7 17.76 -4.06 -52.79
N ARG B 8 17.21 -2.91 -52.43
CA ARG B 8 15.93 -2.52 -53.01
C ARG B 8 16.07 -2.33 -54.52
N PRO B 9 15.04 -2.66 -55.30
CA PRO B 9 15.11 -2.40 -56.75
C PRO B 9 15.37 -0.94 -57.10
N ASP B 10 14.73 0.01 -56.41
CA ASP B 10 14.99 1.41 -56.75
C ASP B 10 16.42 1.79 -56.41
N MET B 11 16.96 1.24 -55.31
CA MET B 11 18.35 1.49 -54.92
C MET B 11 19.35 0.85 -55.89
N LYS B 12 19.04 -0.36 -56.36
CA LYS B 12 19.93 -1.05 -57.30
C LYS B 12 20.06 -0.27 -58.61
N ALA B 13 18.95 0.22 -59.13
CA ALA B 13 18.96 0.97 -60.39
C ALA B 13 19.77 2.26 -60.28
N PHE B 14 19.70 2.92 -59.11
CA PHE B 14 20.53 4.09 -58.89
C PHE B 14 22.01 3.71 -58.83
N LEU B 15 22.33 2.57 -58.21
CA LEU B 15 23.72 2.12 -58.21
C LEU B 15 24.16 1.79 -59.63
N GLU B 16 23.28 1.19 -60.43
CA GLU B 16 23.62 0.90 -61.82
C GLU B 16 23.83 2.19 -62.61
N ALA B 17 22.96 3.19 -62.43
CA ALA B 17 23.14 4.46 -63.13
C ALA B 17 24.45 5.12 -62.75
N ILE B 18 24.83 5.06 -61.47
CA ILE B 18 26.12 5.60 -61.04
C ILE B 18 27.25 4.86 -61.75
N ALA B 19 27.19 3.53 -61.76
CA ALA B 19 28.24 2.75 -62.41
C ALA B 19 28.30 3.05 -63.90
N ALA B 20 27.15 3.18 -64.56
CA ALA B 20 27.12 3.48 -65.98
C ALA B 20 27.69 4.87 -66.28
N MET B 21 27.47 5.85 -65.40
CA MET B 21 28.03 7.18 -65.62
C MET B 21 29.55 7.17 -65.48
N ALA B 22 30.09 6.34 -64.59
CA ALA B 22 31.52 6.03 -64.51
C ALA B 22 32.37 7.28 -64.25
N GLY B 23 32.08 7.97 -63.16
CA GLY B 23 32.85 9.13 -62.76
C GLY B 23 34.21 8.74 -62.20
N PRO B 24 35.08 9.72 -62.00
CA PRO B 24 36.39 9.44 -61.40
C PRO B 24 36.31 9.41 -59.88
N THR B 25 37.40 8.95 -59.27
CA THR B 25 37.45 8.88 -57.81
C THR B 25 37.71 10.26 -57.21
N LEU B 26 37.61 10.33 -55.88
CA LEU B 26 37.97 11.56 -55.17
C LEU B 26 39.44 11.88 -55.33
N ALA B 27 40.28 10.85 -55.36
CA ALA B 27 41.71 11.04 -55.57
C ALA B 27 41.98 11.67 -56.93
N GLU B 28 41.33 11.16 -57.96
CA GLU B 28 41.59 11.63 -59.33
C GLU B 28 41.17 13.07 -59.53
N MET B 29 40.12 13.52 -58.85
CA MET B 29 39.63 14.88 -58.98
C MET B 29 40.48 15.86 -58.16
N THR B 30 40.38 17.14 -58.52
CA THR B 30 40.88 18.20 -57.66
C THR B 30 39.88 18.47 -56.54
N LEU B 31 40.36 19.14 -55.49
CA LEU B 31 39.50 19.47 -54.36
C LEU B 31 38.22 20.18 -54.81
N GLU B 32 38.38 21.20 -55.66
CA GLU B 32 37.21 21.94 -56.13
C GLU B 32 36.28 21.06 -56.94
N GLU B 33 36.83 20.17 -57.77
CA GLU B 33 35.98 19.29 -58.55
C GLU B 33 35.24 18.28 -57.66
N ALA B 34 35.94 17.73 -56.66
CA ALA B 34 35.30 16.78 -55.76
C ALA B 34 34.19 17.45 -54.96
N ARG B 35 34.45 18.66 -54.45
CA ARG B 35 33.40 19.41 -53.78
C ARG B 35 32.25 19.70 -54.73
N ALA B 36 32.55 20.09 -55.97
CA ALA B 36 31.50 20.38 -56.93
C ALA B 36 30.71 19.13 -57.28
N SER B 37 31.37 17.97 -57.34
CA SER B 37 30.68 16.74 -57.67
C SER B 37 29.64 16.37 -56.62
N TYR B 38 29.98 16.57 -55.34
CA TYR B 38 29.04 16.31 -54.25
C TYR B 38 27.81 17.19 -54.36
N VAL B 39 28.00 18.48 -54.68
CA VAL B 39 26.87 19.37 -54.90
C VAL B 39 25.97 18.82 -56.01
N ALA B 40 26.57 18.33 -57.09
CA ALA B 40 25.78 17.88 -58.24
C ALA B 40 25.04 16.58 -57.95
N LEU B 41 25.69 15.68 -57.22
CA LEU B 41 25.04 14.43 -56.82
C LEU B 41 23.75 14.69 -56.05
N HIS B 42 23.84 15.43 -54.94
CA HIS B 42 22.64 15.71 -54.16
C HIS B 42 21.66 16.58 -54.93
N GLY B 43 22.14 17.53 -55.75
CA GLY B 43 21.22 18.32 -56.55
C GLY B 43 20.47 17.47 -57.55
N MET B 44 21.15 16.46 -58.10
CA MET B 44 20.51 15.48 -58.97
C MET B 44 19.53 14.57 -58.22
N ALA B 45 19.94 14.11 -57.04
CA ALA B 45 19.35 12.92 -56.45
C ALA B 45 18.33 13.20 -55.35
N ASP B 46 18.41 14.34 -54.67
CA ASP B 46 17.51 14.57 -53.55
C ASP B 46 16.20 15.22 -53.99
N ARG B 47 15.16 15.03 -53.17
CA ARG B 47 13.90 15.70 -53.42
C ARG B 47 14.09 17.21 -53.24
N PRO B 48 13.23 18.02 -53.87
CA PRO B 48 13.38 19.47 -53.77
C PRO B 48 13.14 19.99 -52.36
N ALA B 49 13.77 21.13 -52.07
CA ALA B 49 13.61 21.78 -50.78
C ALA B 49 12.14 22.01 -50.48
N ARG B 50 11.78 21.94 -49.20
CA ARG B 50 10.47 22.39 -48.80
C ARG B 50 10.44 23.91 -48.80
N GLU B 51 9.26 24.47 -49.00
CA GLU B 51 9.05 25.89 -48.83
C GLU B 51 8.83 26.18 -47.34
N LEU B 52 9.62 27.09 -46.78
CA LEU B 52 9.54 27.42 -45.36
C LEU B 52 9.41 28.91 -45.15
N ALA B 53 8.82 29.28 -44.01
CA ALA B 53 8.71 30.68 -43.64
C ALA B 53 10.09 31.32 -43.48
N VAL B 54 11.07 30.56 -42.97
CA VAL B 54 12.37 31.11 -42.59
C VAL B 54 13.48 30.23 -43.15
N ILE B 55 14.26 30.77 -44.06
CA ILE B 55 15.54 30.20 -44.47
C ILE B 55 16.50 31.38 -44.45
N ARG B 56 17.36 31.45 -43.44
CA ARG B 56 18.07 32.68 -43.11
C ARG B 56 19.52 32.38 -42.71
N ASN B 57 20.46 33.10 -43.32
CA ASN B 57 21.86 32.93 -42.95
C ASN B 57 22.16 33.68 -41.66
N LEU B 58 22.98 33.06 -40.82
CA LEU B 58 23.44 33.64 -39.56
C LEU B 58 24.92 33.33 -39.43
N SER B 59 25.50 33.79 -38.32
CA SER B 59 26.87 33.40 -38.00
C SER B 59 27.04 33.57 -36.50
N CYS B 60 28.01 32.85 -35.95
CA CYS B 60 28.30 32.99 -34.54
C CYS B 60 29.81 33.07 -34.37
N PRO B 61 30.28 33.61 -33.24
CA PRO B 61 31.72 33.59 -32.95
C PRO B 61 32.24 32.17 -32.86
N GLY B 62 33.43 31.94 -33.40
CA GLY B 62 34.11 30.67 -33.30
C GLY B 62 35.55 30.85 -32.91
N PRO B 63 36.25 29.74 -32.61
CA PRO B 63 37.62 29.85 -32.09
C PRO B 63 38.66 30.18 -33.13
N ALA B 64 38.32 30.12 -34.42
CA ALA B 64 39.20 30.58 -35.48
C ALA B 64 38.49 31.62 -36.35
N GLY B 65 37.50 32.29 -35.78
CA GLY B 65 36.72 33.25 -36.51
C GLY B 65 35.25 32.86 -36.56
N ASP B 66 34.49 33.69 -37.25
CA ASP B 66 33.05 33.49 -37.29
C ASP B 66 32.69 32.21 -38.05
N ILE B 67 31.66 31.54 -37.57
CA ILE B 67 31.17 30.30 -38.16
C ILE B 67 29.87 30.62 -38.90
N PRO B 68 29.79 30.40 -40.21
CA PRO B 68 28.52 30.61 -40.91
C PRO B 68 27.51 29.53 -40.54
N LEU B 69 26.24 29.93 -40.54
CA LEU B 69 25.13 29.08 -40.13
C LEU B 69 23.96 29.34 -41.07
N ARG B 70 23.02 28.39 -41.09
CA ARG B 70 21.75 28.59 -41.78
C ARG B 70 20.64 28.09 -40.89
N LEU B 71 19.68 28.97 -40.61
CA LEU B 71 18.50 28.67 -39.82
C LEU B 71 17.36 28.31 -40.76
N TYR B 72 16.66 27.23 -40.43
CA TYR B 72 15.46 26.77 -41.14
C TYR B 72 14.33 26.66 -40.14
N ASP B 73 13.17 27.22 -40.48
CA ASP B 73 12.02 27.16 -39.57
C ASP B 73 10.76 27.32 -40.39
N ALA B 74 9.79 26.43 -40.14
CA ALA B 74 8.47 26.55 -40.75
C ALA B 74 7.67 27.72 -40.18
N ARG B 75 8.17 28.36 -39.12
CA ARG B 75 7.46 29.41 -38.42
C ARG B 75 8.38 30.61 -38.27
N GLU B 76 7.85 31.80 -38.58
CA GLU B 76 8.60 33.02 -38.30
C GLU B 76 8.76 33.23 -36.80
N SER B 77 7.77 32.82 -36.03
CA SER B 77 7.71 33.10 -34.59
C SER B 77 7.21 31.84 -33.88
N ARG B 78 7.89 31.45 -32.80
CA ARG B 78 7.49 30.23 -32.11
C ARG B 78 7.85 30.31 -30.64
N GLU B 79 7.14 29.51 -29.85
CA GLU B 79 7.40 29.32 -28.43
C GLU B 79 8.78 28.66 -28.23
N ALA B 80 9.25 28.72 -26.98
CA ALA B 80 10.49 28.05 -26.62
C ALA B 80 10.35 26.54 -26.83
N GLY B 81 11.46 25.90 -27.17
CA GLY B 81 11.46 24.48 -27.49
C GLY B 81 12.84 24.04 -27.92
N PRO B 82 13.01 22.75 -28.22
CA PRO B 82 14.33 22.28 -28.60
C PRO B 82 14.71 22.81 -29.97
N VAL B 83 16.00 23.00 -30.18
CA VAL B 83 16.51 23.45 -31.47
C VAL B 83 17.42 22.37 -32.04
N ILE B 84 17.15 21.97 -33.27
CA ILE B 84 17.96 21.00 -33.98
C ILE B 84 19.23 21.67 -34.48
N THR B 85 20.38 21.12 -34.13
CA THR B 85 21.66 21.62 -34.62
C THR B 85 22.26 20.56 -35.56
N PHE B 86 22.40 20.91 -36.84
CA PHE B 86 22.70 19.96 -37.89
C PHE B 86 24.11 20.14 -38.43
N TYR B 87 24.82 19.02 -38.64
CA TYR B 87 26.17 19.02 -39.21
C TYR B 87 26.21 18.09 -40.42
N HIS B 88 26.56 18.64 -41.58
CA HIS B 88 26.46 17.91 -42.84
C HIS B 88 27.56 16.86 -42.97
N GLY B 89 27.29 15.85 -43.81
CA GLY B 89 28.30 14.88 -44.16
C GLY B 89 29.27 15.38 -45.23
N GLY B 90 30.25 14.54 -45.54
CA GLY B 90 31.25 14.86 -46.54
C GLY B 90 32.69 14.62 -46.13
N GLY B 91 32.91 13.63 -45.27
CA GLY B 91 34.24 13.24 -44.83
C GLY B 91 34.99 14.28 -44.06
N PHE B 92 34.34 15.37 -43.66
CA PHE B 92 34.98 16.59 -43.17
C PHE B 92 35.80 17.28 -44.26
N VAL B 93 35.59 16.92 -45.53
CA VAL B 93 36.35 17.46 -46.63
C VAL B 93 35.45 18.14 -47.67
N ILE B 94 34.30 17.54 -47.97
CA ILE B 94 33.37 18.13 -48.91
C ILE B 94 32.04 18.41 -48.22
N GLY B 95 31.06 18.90 -48.97
CA GLY B 95 29.78 19.31 -48.41
C GLY B 95 29.83 20.72 -47.82
N ASP B 96 28.65 21.32 -47.70
CA ASP B 96 28.51 22.66 -47.13
C ASP B 96 27.04 22.88 -46.76
N LEU B 97 26.64 24.16 -46.62
CA LEU B 97 25.25 24.47 -46.31
C LEU B 97 24.32 24.16 -47.47
N ASP B 98 24.82 24.09 -48.70
CA ASP B 98 23.95 23.81 -49.84
C ASP B 98 23.82 22.32 -50.16
N THR B 99 24.87 21.53 -49.90
CA THR B 99 24.77 20.10 -50.22
C THR B 99 23.64 19.43 -49.45
N HIS B 100 23.35 19.92 -48.24
CA HIS B 100 22.33 19.31 -47.37
C HIS B 100 21.15 20.24 -47.14
N HIS B 101 21.02 21.27 -47.99
CA HIS B 101 19.99 22.29 -47.82
C HIS B 101 18.60 21.67 -47.85
N ASN B 102 18.32 20.86 -48.87
CA ASN B 102 16.97 20.31 -49.00
C ASN B 102 16.66 19.38 -47.84
N LEU B 103 17.63 18.57 -47.42
CA LEU B 103 17.42 17.69 -46.28
C LEU B 103 17.06 18.50 -45.03
N CYS B 104 17.77 19.62 -44.81
CA CYS B 104 17.46 20.50 -43.68
C CYS B 104 16.04 21.04 -43.74
N THR B 105 15.58 21.49 -44.91
CA THR B 105 14.21 21.97 -45.03
C THR B 105 13.21 20.85 -44.77
N GLU B 106 13.55 19.62 -45.15
CA GLU B 106 12.67 18.50 -44.88
C GLU B 106 12.56 18.22 -43.38
N ILE B 107 13.70 18.19 -42.68
CA ILE B 107 13.68 17.98 -41.23
C ILE B 107 12.88 19.09 -40.55
N ALA B 108 13.09 20.35 -40.95
CA ALA B 108 12.38 21.46 -40.34
C ALA B 108 10.87 21.37 -40.58
N ALA B 109 10.48 21.01 -41.80
CA ALA B 109 9.05 20.90 -42.12
C ALA B 109 8.40 19.74 -41.38
N LEU B 110 9.07 18.59 -41.33
CA LEU B 110 8.45 17.41 -40.73
C LEU B 110 8.49 17.45 -39.21
N MET B 111 9.51 18.07 -38.62
CA MET B 111 9.58 18.14 -37.16
C MET B 111 8.81 19.31 -36.58
N ASP B 112 8.50 20.35 -37.38
CA ASP B 112 8.01 21.61 -36.84
C ASP B 112 8.90 22.09 -35.69
N LEU B 113 10.21 22.05 -35.94
CA LEU B 113 11.24 22.55 -35.05
C LEU B 113 12.24 23.34 -35.89
N PRO B 114 12.90 24.33 -35.30
CA PRO B 114 13.93 25.04 -36.06
C PRO B 114 15.18 24.19 -36.18
N VAL B 115 15.84 24.28 -37.34
CA VAL B 115 17.08 23.59 -37.63
C VAL B 115 18.14 24.65 -37.89
N VAL B 116 19.31 24.51 -37.27
CA VAL B 116 20.46 25.37 -37.54
C VAL B 116 21.58 24.50 -38.07
N ALA B 117 21.90 24.65 -39.36
CA ALA B 117 23.01 23.93 -39.97
C ALA B 117 24.31 24.72 -39.80
N VAL B 118 25.42 24.01 -39.61
CA VAL B 118 26.72 24.62 -39.29
C VAL B 118 27.66 24.45 -40.48
N ASP B 119 28.25 25.55 -40.94
CA ASP B 119 29.23 25.55 -42.04
C ASP B 119 30.64 25.45 -41.46
N TYR B 120 30.97 24.27 -40.96
CA TYR B 120 32.20 24.11 -40.20
C TYR B 120 33.41 24.03 -41.14
N ARG B 121 34.58 24.36 -40.59
CA ARG B 121 35.81 24.35 -41.38
C ARG B 121 36.13 22.95 -41.88
N LEU B 122 36.58 22.87 -43.13
CA LEU B 122 36.85 21.60 -43.79
C LEU B 122 38.35 21.34 -43.94
N ALA B 123 38.70 20.05 -43.96
CA ALA B 123 40.01 19.58 -44.36
C ALA B 123 40.07 19.45 -45.88
N PRO B 124 41.29 19.38 -46.48
CA PRO B 124 42.63 19.42 -45.89
C PRO B 124 43.08 20.79 -45.38
N GLU B 125 42.41 21.86 -45.82
CA GLU B 125 42.77 23.20 -45.37
C GLU B 125 42.81 23.30 -43.85
N HIS B 126 41.83 22.69 -43.18
CA HIS B 126 41.72 22.76 -41.72
C HIS B 126 41.56 21.33 -41.21
N PRO B 127 42.65 20.67 -40.84
CA PRO B 127 42.54 19.27 -40.43
C PRO B 127 41.91 19.13 -39.06
N PHE B 128 41.74 17.88 -38.63
CA PHE B 128 41.25 17.60 -37.29
C PHE B 128 42.08 18.39 -36.28
N PRO B 129 41.45 18.97 -35.25
CA PRO B 129 40.04 18.90 -34.85
C PRO B 129 39.19 20.10 -35.25
N ALA B 130 39.54 20.78 -36.34
CA ALA B 130 38.88 22.03 -36.69
C ALA B 130 37.37 21.86 -36.82
N ALA B 131 36.93 20.80 -37.51
CA ALA B 131 35.49 20.61 -37.73
C ALA B 131 34.76 20.52 -36.40
N ILE B 132 35.33 19.77 -35.45
CA ILE B 132 34.69 19.57 -34.14
C ILE B 132 34.60 20.89 -33.38
N GLU B 133 35.69 21.67 -33.37
CA GLU B 133 35.70 22.94 -32.65
C GLU B 133 34.54 23.82 -33.10
N ASP B 134 34.28 23.86 -34.41
CA ASP B 134 33.22 24.73 -34.93
C ASP B 134 31.84 24.18 -34.62
N CYS B 135 31.62 22.87 -34.86
CA CYS B 135 30.34 22.26 -34.53
C CYS B 135 30.02 22.44 -33.06
N GLU B 136 31.01 22.23 -32.20
CA GLU B 136 30.77 22.43 -30.78
C GLU B 136 30.42 23.88 -30.49
N ALA B 137 31.18 24.83 -31.05
CA ALA B 137 30.95 26.22 -30.72
C ALA B 137 29.59 26.68 -31.20
N ALA B 138 29.21 26.31 -32.42
CA ALA B 138 27.91 26.70 -32.93
C ALA B 138 26.77 26.10 -32.10
N THR B 139 26.94 24.85 -31.66
CA THR B 139 25.90 24.22 -30.85
C THR B 139 25.76 24.92 -29.49
N ARG B 140 26.89 25.25 -28.85
CA ARG B 140 26.83 26.04 -27.62
C ARG B 140 26.18 27.39 -27.86
N TRP B 141 26.51 28.05 -28.97
CA TRP B 141 25.90 29.34 -29.29
C TRP B 141 24.38 29.20 -29.40
N VAL B 142 23.90 28.23 -30.19
CA VAL B 142 22.46 28.01 -30.29
C VAL B 142 21.86 27.75 -28.92
N ALA B 143 22.53 26.91 -28.12
CA ALA B 143 22.03 26.56 -26.78
C ALA B 143 21.90 27.76 -25.85
N SER B 144 22.61 28.86 -26.14
CA SER B 144 22.46 30.05 -25.30
C SER B 144 21.27 30.92 -25.66
N SER B 145 20.44 30.50 -26.60
CA SER B 145 19.34 31.31 -27.13
C SER B 145 19.77 32.75 -27.44
N PRO B 146 20.72 32.94 -28.33
CA PRO B 146 21.16 34.31 -28.65
C PRO B 146 20.08 35.07 -29.39
N SER B 147 20.08 36.40 -29.19
CA SER B 147 19.07 37.26 -29.78
C SER B 147 18.94 37.02 -31.28
N GLU B 148 20.07 36.81 -31.97
CA GLU B 148 20.06 36.70 -33.43
C GLU B 148 19.35 35.44 -33.92
N LEU B 149 19.29 34.40 -33.09
CA LEU B 149 18.61 33.18 -33.50
C LEU B 149 17.12 33.41 -33.68
N GLY B 150 16.53 34.29 -32.87
CA GLY B 150 15.14 34.65 -33.04
C GLY B 150 14.15 33.68 -32.45
N ARG B 151 14.63 32.64 -31.76
CA ARG B 151 13.74 31.75 -31.01
C ARG B 151 14.52 31.20 -29.82
N THR B 152 13.80 30.78 -28.79
CA THR B 152 14.40 30.37 -27.54
C THR B 152 14.59 28.86 -27.53
N ALA B 153 15.76 28.42 -27.11
CA ALA B 153 16.08 26.99 -27.06
C ALA B 153 15.95 26.50 -25.62
N SER B 154 15.07 25.51 -25.42
CA SER B 154 14.99 24.81 -24.14
C SER B 154 15.91 23.59 -24.09
N GLY B 155 16.53 23.24 -25.21
CA GLY B 155 17.41 22.09 -25.35
C GLY B 155 17.88 22.06 -26.79
N VAL B 156 18.91 21.25 -27.04
CA VAL B 156 19.43 21.11 -28.40
C VAL B 156 19.41 19.65 -28.82
N ILE B 157 19.32 19.44 -30.13
CA ILE B 157 19.25 18.12 -30.74
C ILE B 157 20.33 18.04 -31.80
N PRO B 158 21.53 17.54 -31.46
CA PRO B 158 22.56 17.35 -32.48
C PRO B 158 22.16 16.23 -33.44
N ILE B 159 22.41 16.46 -34.72
CA ILE B 159 22.02 15.54 -35.78
C ILE B 159 22.93 15.79 -36.97
N GLY B 160 23.24 14.72 -37.70
CA GLY B 160 24.10 14.87 -38.86
C GLY B 160 24.34 13.51 -39.48
N ASP B 161 24.68 13.54 -40.77
CA ASP B 161 24.91 12.32 -41.53
C ASP B 161 26.41 12.10 -41.68
N SER B 162 26.84 10.86 -41.45
CA SER B 162 28.21 10.42 -41.71
C SER B 162 29.24 11.16 -40.87
N ALA B 163 30.11 11.95 -41.50
CA ALA B 163 31.01 12.81 -40.72
C ALA B 163 30.21 13.71 -39.79
N GLY B 164 29.02 14.13 -40.22
CA GLY B 164 28.14 14.87 -39.35
C GLY B 164 27.54 14.02 -38.25
N GLY B 165 27.43 12.71 -38.49
CA GLY B 165 27.02 11.81 -37.42
C GLY B 165 28.13 11.61 -36.41
N ASN B 166 29.37 11.56 -36.89
CA ASN B 166 30.54 11.60 -36.01
C ASN B 166 30.53 12.87 -35.18
N ALA B 167 30.31 14.02 -35.81
CA ALA B 167 30.27 15.28 -35.08
C ALA B 167 29.13 15.30 -34.08
N THR B 168 27.99 14.72 -34.46
CA THR B 168 26.86 14.64 -33.55
C THR B 168 27.27 14.00 -32.22
N ILE B 169 27.94 12.85 -32.27
CA ILE B 169 28.28 12.15 -31.04
C ILE B 169 29.36 12.91 -30.27
N VAL B 170 30.40 13.39 -30.96
CA VAL B 170 31.46 14.14 -30.30
C VAL B 170 30.88 15.35 -29.58
N VAL B 171 29.96 16.06 -30.24
CA VAL B 171 29.34 17.24 -29.62
C VAL B 171 28.56 16.85 -28.37
N SER B 172 27.75 15.78 -28.45
CA SER B 172 27.02 15.32 -27.28
C SER B 172 27.96 14.98 -26.13
N GLN B 173 29.10 14.37 -26.45
CA GLN B 173 30.07 14.03 -25.41
C GLN B 173 30.75 15.27 -24.85
N LEU B 174 31.07 16.25 -25.71
CA LEU B 174 31.71 17.46 -25.21
C LEU B 174 30.75 18.27 -24.34
N LEU B 175 29.49 18.41 -24.78
CA LEU B 175 28.52 19.12 -23.94
C LEU B 175 28.18 18.31 -22.70
N GLY B 176 28.24 16.98 -22.79
CA GLY B 176 28.02 16.16 -21.60
C GLY B 176 29.06 16.41 -20.53
N ALA B 177 30.32 16.56 -20.92
CA ALA B 177 31.39 16.81 -19.95
C ALA B 177 31.34 18.24 -19.43
N LYS B 178 30.94 19.18 -20.30
CA LYS B 178 30.91 20.60 -19.95
C LYS B 178 29.63 21.20 -20.53
N PRO B 179 28.56 21.24 -19.74
CA PRO B 179 27.23 21.57 -20.29
C PRO B 179 27.16 22.96 -20.91
N ALA B 180 26.43 23.03 -22.04
CA ALA B 180 25.96 24.29 -22.58
C ALA B 180 24.84 24.84 -21.69
N ASP B 181 24.23 25.96 -22.10
CA ASP B 181 23.19 26.59 -21.28
C ASP B 181 21.94 25.72 -21.15
N VAL B 182 21.67 24.89 -22.14
CA VAL B 182 20.56 23.91 -22.07
C VAL B 182 21.14 22.55 -22.40
N PRO B 183 20.45 21.48 -22.04
CA PRO B 183 20.99 20.14 -22.26
C PRO B 183 20.77 19.66 -23.70
N VAL B 184 21.62 18.71 -24.09
CA VAL B 184 21.35 17.87 -25.26
C VAL B 184 20.21 16.93 -24.88
N VAL B 185 19.03 17.12 -25.47
CA VAL B 185 17.88 16.30 -25.08
C VAL B 185 17.72 15.07 -25.97
N LEU B 186 18.42 15.02 -27.10
CA LEU B 186 18.35 13.92 -28.04
C LEU B 186 19.48 14.12 -29.05
N GLN B 187 20.15 13.04 -29.44
CA GLN B 187 21.11 13.09 -30.53
C GLN B 187 20.72 12.08 -31.61
N VAL B 188 20.94 12.46 -32.86
CA VAL B 188 20.56 11.61 -34.00
C VAL B 188 21.77 11.45 -34.93
N PRO B 189 22.74 10.60 -34.60
CA PRO B 189 23.78 10.27 -35.58
C PRO B 189 23.24 9.38 -36.69
N ILE B 190 23.34 9.85 -37.93
CA ILE B 190 22.87 9.12 -39.10
C ILE B 190 24.06 8.61 -39.88
N PHE B 191 24.05 7.31 -40.21
CA PHE B 191 25.18 6.47 -40.60
C PHE B 191 26.52 7.08 -40.17
N PRO B 192 26.77 7.16 -38.87
CA PRO B 192 27.96 7.85 -38.37
C PRO B 192 29.24 7.04 -38.50
N LEU B 193 30.35 7.77 -38.46
CA LEU B 193 31.66 7.18 -38.20
C LEU B 193 31.92 7.33 -36.70
N ALA B 194 31.78 6.24 -35.96
CA ALA B 194 31.95 6.25 -34.51
C ALA B 194 33.17 5.47 -34.04
N SER B 195 33.33 4.25 -34.54
CA SER B 195 34.55 3.48 -34.35
C SER B 195 35.31 3.43 -35.67
N ASP B 196 36.60 3.17 -35.58
CA ASP B 196 37.43 3.03 -36.78
C ASP B 196 36.90 1.90 -37.66
N ALA B 197 36.58 2.23 -38.91
CA ALA B 197 36.03 1.22 -39.81
C ALA B 197 37.06 0.19 -40.26
N VAL B 198 38.36 0.50 -40.13
CA VAL B 198 39.42 -0.39 -40.59
C VAL B 198 39.32 -1.72 -39.85
N GLY B 199 39.23 -2.81 -40.61
CA GLY B 199 39.09 -4.13 -40.03
C GLY B 199 37.67 -4.63 -39.90
N SER B 200 36.67 -3.85 -40.28
CA SER B 200 35.28 -4.24 -40.11
C SER B 200 34.78 -5.00 -41.32
N ALA B 201 33.89 -5.96 -41.06
CA ALA B 201 33.33 -6.77 -42.14
C ALA B 201 32.53 -5.94 -43.12
N SER B 202 31.84 -4.89 -42.64
CA SER B 202 31.06 -4.07 -43.56
C SER B 202 31.96 -3.29 -44.50
N LEU B 203 33.12 -2.83 -44.02
CA LEU B 203 34.04 -2.10 -44.89
C LEU B 203 34.47 -2.96 -46.08
N GLU B 204 34.86 -4.21 -45.82
CA GLU B 204 35.29 -5.09 -46.90
C GLU B 204 34.13 -5.49 -47.80
N ALA B 205 32.98 -5.82 -47.21
CA ALA B 205 31.86 -6.31 -48.01
C ALA B 205 31.27 -5.22 -48.90
N PHE B 206 31.39 -3.96 -48.50
CA PHE B 206 30.76 -2.88 -49.25
C PHE B 206 31.80 -1.86 -49.70
N ALA B 207 33.03 -2.34 -49.92
CA ALA B 207 34.16 -1.46 -50.24
C ALA B 207 33.97 -0.74 -51.57
N GLU B 208 33.21 -1.31 -52.50
CA GLU B 208 33.03 -0.71 -53.81
C GLU B 208 31.61 -0.92 -54.29
N GLY B 209 31.08 0.08 -54.98
CA GLY B 209 29.78 -0.06 -55.62
C GLY B 209 28.58 0.35 -54.81
N PHE B 210 28.76 0.91 -53.60
CA PHE B 210 27.62 1.26 -52.77
C PHE B 210 27.63 2.73 -52.37
N VAL B 211 27.79 3.60 -53.37
CA VAL B 211 27.83 5.07 -53.23
C VAL B 211 29.10 5.48 -52.48
N LEU B 212 29.15 5.22 -51.17
CA LEU B 212 30.36 5.49 -50.40
C LEU B 212 31.32 4.32 -50.54
N THR B 213 32.56 4.61 -50.90
CA THR B 213 33.56 3.59 -51.18
C THR B 213 34.66 3.60 -50.13
N LYS B 214 35.36 2.48 -50.05
CA LYS B 214 36.56 2.41 -49.24
C LYS B 214 37.60 3.42 -49.71
N ALA B 215 37.73 3.60 -51.03
CA ALA B 215 38.65 4.62 -51.57
C ALA B 215 38.31 6.00 -51.01
N SER B 216 37.04 6.40 -51.10
CA SER B 216 36.64 7.71 -50.57
C SER B 216 36.93 7.82 -49.08
N ILE B 217 36.61 6.77 -48.31
CA ILE B 217 36.88 6.79 -46.87
C ILE B 217 38.36 7.06 -46.61
N GLU B 218 39.24 6.39 -47.36
CA GLU B 218 40.68 6.60 -47.17
C GLU B 218 41.09 8.00 -47.59
N PHE B 219 40.50 8.51 -48.68
CA PHE B 219 40.76 9.89 -49.10
C PHE B 219 40.39 10.87 -48.00
N PHE B 220 39.16 10.76 -47.45
CA PHE B 220 38.74 11.64 -46.37
C PHE B 220 39.69 11.56 -45.18
N ASP B 221 40.08 10.34 -44.80
CA ASP B 221 40.92 10.17 -43.62
C ASP B 221 42.30 10.80 -43.81
N THR B 222 42.88 10.70 -45.01
CA THR B 222 44.19 11.30 -45.23
C THR B 222 44.11 12.82 -45.10
N ALA B 223 43.02 13.42 -45.58
CA ALA B 223 42.89 14.87 -45.50
C ALA B 223 42.58 15.33 -44.08
N TYR B 224 41.70 14.61 -43.38
CA TYR B 224 41.27 15.07 -42.05
C TYR B 224 42.29 14.79 -40.97
N LYS B 225 42.99 13.65 -41.07
CA LYS B 225 44.06 13.28 -40.15
C LYS B 225 43.59 13.30 -38.68
N ALA B 226 42.53 12.53 -38.41
CA ALA B 226 42.06 12.42 -37.04
C ALA B 226 42.96 11.49 -36.23
N ASP B 227 43.22 11.88 -34.98
CA ASP B 227 43.99 11.05 -34.05
C ASP B 227 43.19 9.79 -33.71
N ARG B 228 43.76 8.62 -34.02
CA ARG B 228 43.06 7.35 -33.80
C ARG B 228 42.74 7.11 -32.34
N ALA B 229 43.51 7.71 -31.43
CA ALA B 229 43.31 7.52 -30.00
C ALA B 229 42.46 8.60 -29.37
N ASP B 230 41.95 9.54 -30.15
CA ASP B 230 41.23 10.70 -29.62
C ASP B 230 39.74 10.46 -29.71
N PRO B 231 38.99 10.51 -28.59
CA PRO B 231 37.53 10.35 -28.68
C PRO B 231 36.87 11.41 -29.55
N ARG B 232 37.51 12.57 -29.74
CA ARG B 232 36.94 13.57 -30.64
C ARG B 232 37.10 13.18 -32.10
N GLY B 233 37.95 12.20 -32.40
CA GLY B 233 38.02 11.68 -33.74
C GLY B 233 37.20 10.41 -33.91
N PHE B 234 37.22 9.56 -32.89
CA PHE B 234 36.52 8.28 -32.91
C PHE B 234 35.75 8.14 -31.60
N PRO B 235 34.51 8.62 -31.56
CA PRO B 235 33.82 8.78 -30.27
C PRO B 235 33.33 7.48 -29.64
N ILE B 236 33.44 6.34 -30.33
CA ILE B 236 33.30 5.05 -29.64
C ILE B 236 34.20 5.01 -28.41
N LEU B 237 35.29 5.78 -28.41
CA LEU B 237 36.23 5.78 -27.30
C LEU B 237 35.81 6.68 -26.16
N GLY B 238 34.77 7.50 -26.33
CA GLY B 238 34.35 8.39 -25.27
C GLY B 238 33.64 7.66 -24.15
N ASP B 239 33.28 8.45 -23.13
CA ASP B 239 32.53 7.96 -21.97
C ASP B 239 31.04 7.98 -22.31
N HIS B 240 30.42 6.81 -22.36
CA HIS B 240 29.02 6.66 -22.77
C HIS B 240 28.04 6.65 -21.60
N THR B 241 28.54 6.69 -20.35
CA THR B 241 27.69 6.44 -19.18
C THR B 241 26.64 7.52 -18.96
N ALA B 242 26.79 8.69 -19.58
CA ALA B 242 25.77 9.72 -19.48
C ALA B 242 25.31 10.19 -20.86
N ALA B 243 25.48 9.34 -21.86
CA ALA B 243 25.04 9.67 -23.22
C ALA B 243 23.57 10.11 -23.20
N PRO B 244 23.21 11.11 -23.99
CA PRO B 244 21.81 11.55 -24.05
C PRO B 244 20.98 10.51 -24.80
N PRO B 245 19.64 10.61 -24.75
CA PRO B 245 18.80 9.76 -25.59
C PRO B 245 19.24 9.84 -27.05
N THR B 246 19.32 8.68 -27.71
CA THR B 246 19.99 8.56 -28.99
C THR B 246 19.13 7.78 -29.98
N ILE B 247 19.13 8.23 -31.24
CA ILE B 247 18.65 7.45 -32.37
C ILE B 247 19.85 7.23 -33.29
N VAL B 248 20.30 5.99 -33.39
CA VAL B 248 21.33 5.62 -34.34
C VAL B 248 20.64 5.05 -35.56
N ALA B 249 20.84 5.67 -36.72
CA ALA B 249 20.29 5.18 -37.96
C ALA B 249 21.45 4.79 -38.87
N THR B 250 21.40 3.58 -39.42
CA THR B 250 22.43 3.06 -40.32
C THR B 250 21.76 2.55 -41.58
N ALA B 251 22.59 2.15 -42.55
CA ALA B 251 22.13 1.51 -43.78
C ALA B 251 22.76 0.12 -43.90
N SER B 252 21.97 -0.85 -44.35
CA SER B 252 22.44 -2.23 -44.36
C SER B 252 23.56 -2.47 -45.38
N LEU B 253 23.70 -1.59 -46.38
CA LEU B 253 24.72 -1.74 -47.42
C LEU B 253 25.84 -0.71 -47.28
N ASP B 254 26.18 -0.34 -46.06
CA ASP B 254 27.11 0.75 -45.80
C ASP B 254 28.44 0.21 -45.32
N PRO B 255 29.58 0.59 -45.92
CA PRO B 255 30.87 0.19 -45.35
C PRO B 255 31.04 0.64 -43.92
N LEU B 256 30.33 1.69 -43.50
CA LEU B 256 30.39 2.18 -42.14
C LEU B 256 29.28 1.60 -41.25
N ARG B 257 28.47 0.68 -41.78
CA ARG B 257 27.36 0.10 -41.01
C ARG B 257 27.84 -0.44 -39.67
N ASP B 258 28.89 -1.26 -39.67
CA ASP B 258 29.34 -1.88 -38.43
C ASP B 258 29.81 -0.85 -37.41
N SER B 259 30.28 0.30 -37.89
CA SER B 259 30.65 1.37 -36.98
C SER B 259 29.44 1.88 -36.21
N GLY B 260 28.30 2.00 -36.89
CA GLY B 260 27.09 2.41 -36.21
C GLY B 260 26.54 1.34 -35.29
N ARG B 261 26.60 0.07 -35.71
CA ARG B 261 26.23 -1.03 -34.85
C ARG B 261 27.04 -1.01 -33.56
N ASP B 262 28.36 -0.81 -33.69
CA ASP B 262 29.22 -0.77 -32.51
C ASP B 262 28.78 0.32 -31.54
N TYR B 263 28.43 1.49 -32.08
CA TYR B 263 28.07 2.61 -31.19
C TYR B 263 26.76 2.34 -30.46
N ALA B 264 25.73 1.89 -31.19
CA ALA B 264 24.46 1.56 -30.55
C ALA B 264 24.63 0.48 -29.49
N LYS B 265 25.44 -0.54 -29.78
CA LYS B 265 25.74 -1.57 -28.78
C LYS B 265 26.44 -0.98 -27.57
N ALA B 266 27.37 -0.05 -27.77
CA ALA B 266 28.05 0.55 -26.64
C ALA B 266 27.08 1.35 -25.77
N LEU B 267 26.06 1.97 -26.38
CA LEU B 267 25.06 2.67 -25.60
C LEU B 267 24.24 1.70 -24.77
N VAL B 268 23.80 0.58 -25.36
CA VAL B 268 23.08 -0.44 -24.59
C VAL B 268 23.96 -0.97 -23.46
N GLU B 269 25.22 -1.29 -23.78
CA GLU B 269 26.13 -1.80 -22.76
C GLU B 269 26.24 -0.84 -21.58
N ALA B 270 26.13 0.47 -21.83
CA ALA B 270 26.16 1.48 -20.77
C ALA B 270 24.78 1.80 -20.22
N GLY B 271 23.74 1.09 -20.66
CA GLY B 271 22.42 1.30 -20.10
C GLY B 271 21.72 2.56 -20.52
N ARG B 272 22.06 3.11 -21.69
CA ARG B 272 21.45 4.34 -22.19
C ARG B 272 20.31 4.02 -23.14
N ASP B 273 19.31 4.90 -23.18
CA ASP B 273 18.19 4.70 -24.08
C ASP B 273 18.61 4.96 -25.52
N VAL B 274 18.32 4.01 -26.42
CA VAL B 274 18.73 4.18 -27.81
C VAL B 274 17.75 3.46 -28.73
N VAL B 275 17.47 4.12 -29.85
CA VAL B 275 16.73 3.53 -30.96
C VAL B 275 17.74 3.20 -32.04
N TYR B 276 17.86 1.92 -32.40
CA TYR B 276 18.71 1.50 -33.50
C TYR B 276 17.83 1.18 -34.71
N LEU B 277 18.05 1.89 -35.81
CA LEU B 277 17.33 1.68 -37.05
C LEU B 277 18.34 1.38 -38.16
N GLU B 278 18.25 0.20 -38.74
CA GLU B 278 19.11 -0.18 -39.84
C GLU B 278 18.23 -0.30 -41.09
N MET B 279 18.34 0.68 -41.99
CA MET B 279 17.52 0.71 -43.21
C MET B 279 17.97 -0.40 -44.16
N GLU B 280 17.03 -1.26 -44.53
CA GLU B 280 17.35 -2.50 -45.24
C GLU B 280 17.28 -2.30 -46.75
N GLY B 281 18.36 -2.67 -47.44
CA GLY B 281 18.38 -2.58 -48.89
C GLY B 281 18.80 -1.24 -49.46
N VAL B 282 19.37 -0.35 -48.65
CA VAL B 282 19.83 0.95 -49.13
C VAL B 282 21.23 1.20 -48.58
N THR B 283 21.85 2.25 -49.10
CA THR B 283 23.26 2.56 -48.91
C THR B 283 23.43 3.76 -47.99
N HIS B 284 24.68 3.99 -47.61
CA HIS B 284 25.13 5.30 -47.18
C HIS B 284 24.51 6.41 -48.04
N SER B 285 24.28 7.58 -47.43
CA SER B 285 23.75 8.79 -48.08
C SER B 285 22.27 8.72 -48.41
N PHE B 286 21.52 7.78 -47.82
CA PHE B 286 20.12 7.63 -48.23
C PHE B 286 19.27 8.84 -47.88
N THR B 287 19.69 9.65 -46.89
CA THR B 287 18.91 10.83 -46.56
C THR B 287 18.93 11.88 -47.66
N ASN B 288 19.87 11.81 -48.61
CA ASN B 288 20.04 12.86 -49.60
C ASN B 288 19.84 12.36 -51.03
N ILE B 289 19.18 11.21 -51.22
CA ILE B 289 18.95 10.68 -52.56
C ILE B 289 17.48 10.35 -52.70
N ARG B 290 16.63 11.15 -52.06
CA ARG B 290 15.22 10.80 -51.87
C ARG B 290 14.38 10.94 -53.13
N ALA B 291 14.90 11.56 -54.19
CA ALA B 291 14.16 11.54 -55.45
C ALA B 291 14.62 10.41 -56.36
N ALA B 292 15.94 10.21 -56.46
CA ALA B 292 16.48 9.14 -57.31
C ALA B 292 16.08 7.76 -56.79
N VAL B 293 16.05 7.59 -55.46
CA VAL B 293 15.64 6.36 -54.80
C VAL B 293 14.44 6.70 -53.91
N PRO B 294 13.23 6.76 -54.47
CA PRO B 294 12.11 7.37 -53.72
C PRO B 294 11.78 6.71 -52.40
N SER B 295 12.09 5.41 -52.24
CA SER B 295 11.78 4.72 -50.99
C SER B 295 12.59 5.26 -49.82
N THR B 296 13.69 5.97 -50.08
CA THR B 296 14.48 6.53 -48.99
C THR B 296 13.79 7.70 -48.29
N GLN B 297 12.78 8.31 -48.91
CA GLN B 297 11.93 9.26 -48.18
C GLN B 297 11.26 8.57 -46.99
N GLY B 298 10.77 7.35 -47.20
CA GLY B 298 10.21 6.57 -46.10
C GLY B 298 11.22 6.23 -45.02
N ASP B 299 12.48 6.01 -45.40
CA ASP B 299 13.52 5.80 -44.40
C ASP B 299 13.72 7.05 -43.54
N LEU B 300 13.76 8.22 -44.17
CA LEU B 300 13.88 9.46 -43.42
C LEU B 300 12.71 9.67 -42.49
N GLU B 301 11.49 9.37 -42.96
CA GLU B 301 10.30 9.57 -42.13
C GLU B 301 10.27 8.63 -40.93
N ARG B 302 10.91 7.45 -41.02
CA ARG B 302 11.03 6.59 -39.85
C ARG B 302 11.91 7.23 -38.79
N ILE B 303 13.01 7.86 -39.21
CA ILE B 303 13.87 8.58 -38.27
C ILE B 303 13.09 9.70 -37.60
N ILE B 304 12.33 10.45 -38.40
CA ILE B 304 11.51 11.54 -37.89
C ILE B 304 10.53 11.04 -36.84
N ALA B 305 9.80 9.96 -37.17
CA ALA B 305 8.86 9.39 -36.21
C ALA B 305 9.56 8.99 -34.92
N ALA B 306 10.76 8.39 -35.03
CA ALA B 306 11.49 8.01 -33.82
C ALA B 306 11.89 9.25 -33.02
N MET B 307 12.31 10.33 -33.70
CA MET B 307 12.67 11.56 -33.02
C MET B 307 11.49 12.14 -32.24
N LYS B 308 10.31 12.17 -32.86
CA LYS B 308 9.13 12.68 -32.15
C LYS B 308 8.86 11.85 -30.90
N MET B 309 8.86 10.52 -31.03
CA MET B 309 8.65 9.64 -29.89
C MET B 309 9.69 9.91 -28.81
N MET B 310 10.95 10.07 -29.20
CA MET B 310 12.00 10.20 -28.21
C MET B 310 12.01 11.58 -27.57
N LEU B 311 11.36 12.56 -28.19
CA LEU B 311 11.19 13.86 -27.57
C LEU B 311 9.99 13.93 -26.65
N GLY B 312 9.07 12.96 -26.77
CA GLY B 312 7.84 12.99 -26.01
C GLY B 312 6.80 13.84 -26.72
N THR C 4 -22.59 6.49 4.19
CA THR C 4 -21.24 7.00 4.45
C THR C 4 -20.90 6.95 5.94
N PRO C 5 -20.54 5.76 6.42
CA PRO C 5 -20.01 5.65 7.79
C PRO C 5 -18.57 6.11 7.85
N PHE C 6 -18.12 6.46 9.06
CA PHE C 6 -16.78 7.00 9.21
C PHE C 6 -15.74 5.90 8.95
N ILE C 7 -14.75 6.22 8.12
CA ILE C 7 -13.62 5.34 7.82
C ILE C 7 -12.35 6.18 7.95
N ARG C 8 -11.36 5.68 8.70
CA ARG C 8 -10.09 6.40 8.78
C ARG C 8 -9.45 6.46 7.39
N PRO C 9 -8.67 7.52 7.11
CA PRO C 9 -8.01 7.61 5.79
C PRO C 9 -7.08 6.44 5.52
N ASP C 10 -6.23 6.05 6.49
CA ASP C 10 -5.34 4.92 6.22
C ASP C 10 -6.14 3.63 6.03
N MET C 11 -7.24 3.46 6.78
CA MET C 11 -8.11 2.30 6.57
C MET C 11 -8.70 2.31 5.16
N LYS C 12 -9.16 3.48 4.69
CA LYS C 12 -9.79 3.57 3.38
C LYS C 12 -8.79 3.28 2.25
N ALA C 13 -7.57 3.78 2.38
CA ALA C 13 -6.56 3.46 1.37
C ALA C 13 -6.39 1.95 1.23
N PHE C 14 -6.42 1.23 2.34
CA PHE C 14 -6.31 -0.24 2.31
C PHE C 14 -7.51 -0.86 1.62
N LEU C 15 -8.72 -0.42 1.95
CA LEU C 15 -9.90 -0.99 1.31
C LEU C 15 -9.91 -0.73 -0.20
N GLU C 16 -9.35 0.40 -0.63
CA GLU C 16 -9.28 0.70 -2.05
C GLU C 16 -8.29 -0.22 -2.76
N ALA C 17 -7.15 -0.50 -2.14
CA ALA C 17 -6.22 -1.45 -2.72
C ALA C 17 -6.85 -2.84 -2.81
N ILE C 18 -7.62 -3.24 -1.79
CA ILE C 18 -8.28 -4.53 -1.86
C ILE C 18 -9.29 -4.54 -3.00
N ALA C 19 -10.07 -3.48 -3.13
CA ALA C 19 -11.03 -3.39 -4.23
C ALA C 19 -10.34 -3.39 -5.59
N ALA C 20 -9.17 -2.74 -5.68
CA ALA C 20 -8.41 -2.76 -6.93
C ALA C 20 -7.92 -4.17 -7.26
N MET C 21 -7.40 -4.88 -6.25
CA MET C 21 -6.92 -6.26 -6.44
C MET C 21 -8.00 -7.13 -7.07
N ALA C 22 -9.21 -7.06 -6.52
CA ALA C 22 -10.37 -7.84 -6.99
C ALA C 22 -10.04 -9.32 -6.86
N GLY C 23 -10.29 -10.15 -7.87
CA GLY C 23 -9.95 -11.56 -7.84
C GLY C 23 -11.08 -12.44 -7.32
N PRO C 24 -10.82 -13.74 -7.22
CA PRO C 24 -11.88 -14.68 -6.80
C PRO C 24 -12.22 -14.55 -5.32
N THR C 25 -13.46 -14.90 -5.00
CA THR C 25 -13.89 -15.06 -3.62
C THR C 25 -13.27 -16.31 -3.02
N LEU C 26 -13.35 -16.43 -1.69
CA LEU C 26 -12.87 -17.63 -1.01
C LEU C 26 -13.56 -18.90 -1.53
N ALA C 27 -14.87 -18.83 -1.74
CA ALA C 27 -15.58 -20.03 -2.18
C ALA C 27 -15.17 -20.44 -3.59
N GLU C 28 -14.71 -19.49 -4.41
CA GLU C 28 -14.28 -19.81 -5.76
C GLU C 28 -12.87 -20.37 -5.83
N MET C 29 -12.08 -20.21 -4.78
CA MET C 29 -10.74 -20.78 -4.76
C MET C 29 -10.80 -22.24 -4.33
N THR C 30 -9.72 -22.97 -4.57
CA THR C 30 -9.54 -24.20 -3.83
C THR C 30 -9.35 -23.85 -2.36
N LEU C 31 -9.61 -24.85 -1.50
CA LEU C 31 -9.34 -24.73 -0.07
C LEU C 31 -7.89 -24.30 0.18
N GLU C 32 -6.95 -24.95 -0.51
CA GLU C 32 -5.55 -24.60 -0.33
C GLU C 32 -5.28 -23.17 -0.79
N GLU C 33 -5.89 -22.75 -1.90
CA GLU C 33 -5.74 -21.36 -2.34
C GLU C 33 -6.33 -20.39 -1.33
N ALA C 34 -7.50 -20.72 -0.76
CA ALA C 34 -8.12 -19.86 0.25
C ALA C 34 -7.19 -19.68 1.44
N ARG C 35 -6.62 -20.77 1.93
CA ARG C 35 -5.73 -20.66 3.09
C ARG C 35 -4.46 -19.86 2.74
N ALA C 36 -3.94 -20.05 1.53
CA ALA C 36 -2.73 -19.34 1.12
C ALA C 36 -2.98 -17.84 0.99
N SER C 37 -4.18 -17.45 0.54
CA SER C 37 -4.44 -16.02 0.37
C SER C 37 -4.54 -15.30 1.72
N TYR C 38 -4.95 -16.01 2.77
CA TYR C 38 -4.96 -15.44 4.13
C TYR C 38 -3.54 -15.24 4.63
N VAL C 39 -2.70 -16.25 4.44
CA VAL C 39 -1.27 -16.11 4.74
C VAL C 39 -0.71 -14.86 4.04
N ALA C 40 -1.00 -14.72 2.75
CA ALA C 40 -0.44 -13.62 1.98
C ALA C 40 -1.00 -12.27 2.43
N LEU C 41 -2.28 -12.23 2.80
CA LEU C 41 -2.89 -10.98 3.25
C LEU C 41 -2.20 -10.46 4.51
N HIS C 42 -2.14 -11.30 5.55
CA HIS C 42 -1.51 -10.91 6.81
C HIS C 42 -0.01 -10.71 6.63
N GLY C 43 0.62 -11.51 5.78
CA GLY C 43 2.05 -11.34 5.54
C GLY C 43 2.39 -9.98 4.98
N MET C 44 1.58 -9.48 4.06
CA MET C 44 1.77 -8.17 3.45
C MET C 44 1.33 -7.03 4.38
N ALA C 45 0.30 -7.26 5.20
CA ALA C 45 -0.36 -6.17 5.92
C ALA C 45 0.13 -5.96 7.36
N ASP C 46 0.69 -6.97 8.01
CA ASP C 46 0.97 -6.82 9.43
C ASP C 46 2.39 -6.31 9.68
N ARG C 47 2.60 -5.79 10.88
CA ARG C 47 3.93 -5.43 11.33
C ARG C 47 4.80 -6.67 11.50
N PRO C 48 6.12 -6.52 11.44
CA PRO C 48 7.00 -7.69 11.61
C PRO C 48 6.94 -8.25 13.02
N ALA C 49 7.32 -9.52 13.13
CA ALA C 49 7.39 -10.15 14.44
C ALA C 49 8.34 -9.38 15.37
N ARG C 50 8.01 -9.37 16.66
CA ARG C 50 8.96 -8.92 17.66
C ARG C 50 10.01 -10.00 17.90
N GLU C 51 11.21 -9.57 18.28
CA GLU C 51 12.19 -10.51 18.80
C GLU C 51 11.83 -10.87 20.23
N LEU C 52 11.93 -12.16 20.55
CA LEU C 52 11.58 -12.67 21.87
C LEU C 52 12.62 -13.68 22.30
N ALA C 53 12.77 -13.84 23.60
CA ALA C 53 13.70 -14.83 24.14
C ALA C 53 13.28 -16.24 23.75
N VAL C 54 11.97 -16.51 23.74
CA VAL C 54 11.46 -17.88 23.57
C VAL C 54 10.36 -17.86 22.51
N ILE C 55 10.53 -18.68 21.47
CA ILE C 55 9.48 -19.03 20.52
C ILE C 55 9.70 -20.50 20.22
N ARG C 56 8.81 -21.35 20.72
CA ARG C 56 9.06 -22.79 20.69
C ARG C 56 7.79 -23.52 20.26
N ASN C 57 7.92 -24.47 19.35
CA ASN C 57 6.80 -25.32 18.97
C ASN C 57 6.66 -26.45 19.98
N LEU C 58 5.43 -26.70 20.44
CA LEU C 58 5.14 -27.81 21.35
C LEU C 58 3.88 -28.52 20.85
N SER C 59 3.45 -29.52 21.60
CA SER C 59 2.14 -30.11 21.35
C SER C 59 1.61 -30.68 22.67
N CYS C 60 0.31 -30.88 22.73
CA CYS C 60 -0.31 -31.49 23.89
C CYS C 60 -1.30 -32.53 23.38
N PRO C 61 -1.71 -33.47 24.23
CA PRO C 61 -2.71 -34.46 23.81
C PRO C 61 -4.07 -33.83 23.62
N GLY C 62 -4.80 -34.37 22.66
CA GLY C 62 -6.16 -33.93 22.42
C GLY C 62 -7.05 -35.09 22.08
N PRO C 63 -8.36 -34.85 21.99
CA PRO C 63 -9.30 -35.95 21.76
C PRO C 63 -9.19 -36.58 20.38
N ALA C 64 -8.60 -35.91 19.38
CA ALA C 64 -8.44 -36.52 18.08
C ALA C 64 -6.99 -36.83 17.77
N GLY C 65 -6.09 -36.57 18.71
CA GLY C 65 -4.67 -36.69 18.51
C GLY C 65 -3.97 -35.49 19.09
N ASP C 66 -2.66 -35.42 18.89
CA ASP C 66 -1.88 -34.30 19.41
C ASP C 66 -2.31 -32.98 18.79
N ILE C 67 -2.28 -31.93 19.58
CA ILE C 67 -2.60 -30.58 19.13
C ILE C 67 -1.30 -29.79 19.05
N PRO C 68 -0.90 -29.28 17.88
CA PRO C 68 0.31 -28.45 17.82
C PRO C 68 0.10 -27.09 18.48
N LEU C 69 1.15 -26.60 19.12
CA LEU C 69 1.12 -25.36 19.89
C LEU C 69 2.38 -24.55 19.62
N ARG C 70 2.32 -23.25 19.89
CA ARG C 70 3.53 -22.41 19.87
C ARG C 70 3.55 -21.52 21.10
N LEU C 71 4.67 -21.56 21.83
CA LEU C 71 4.88 -20.73 23.00
C LEU C 71 5.67 -19.50 22.63
N TYR C 72 5.20 -18.34 23.06
CA TYR C 72 5.90 -17.06 22.92
C TYR C 72 6.17 -16.53 24.31
N ASP C 73 7.42 -16.09 24.56
CA ASP C 73 7.72 -15.45 25.83
C ASP C 73 8.86 -14.46 25.66
N ALA C 74 8.69 -13.26 26.21
CA ALA C 74 9.77 -12.28 26.23
C ALA C 74 10.88 -12.64 27.21
N ARG C 75 10.62 -13.56 28.13
CA ARG C 75 11.58 -13.96 29.15
C ARG C 75 11.91 -15.44 28.98
N GLU C 76 13.18 -15.79 29.20
CA GLU C 76 13.55 -17.20 29.15
C GLU C 76 13.17 -17.92 30.43
N SER C 77 13.06 -17.20 31.54
CA SER C 77 12.64 -17.78 32.80
C SER C 77 11.69 -16.80 33.49
N ARG C 78 10.62 -17.32 34.09
CA ARG C 78 9.71 -16.43 34.77
C ARG C 78 8.95 -17.19 35.84
N GLU C 79 8.50 -16.45 36.85
CA GLU C 79 7.77 -17.02 37.97
C GLU C 79 6.34 -17.34 37.57
N ALA C 80 5.60 -17.96 38.49
CA ALA C 80 4.21 -18.30 38.23
C ALA C 80 3.41 -17.04 37.96
N GLY C 81 2.41 -17.17 37.10
CA GLY C 81 1.56 -16.07 36.72
C GLY C 81 0.58 -16.50 35.65
N PRO C 82 -0.27 -15.59 35.18
CA PRO C 82 -1.24 -15.97 34.16
C PRO C 82 -0.53 -16.27 32.84
N VAL C 83 -1.09 -17.23 32.10
CA VAL C 83 -0.60 -17.56 30.77
C VAL C 83 -1.72 -17.25 29.77
N ILE C 84 -1.37 -16.56 28.70
CA ILE C 84 -2.32 -16.24 27.65
C ILE C 84 -2.43 -17.44 26.71
N THR C 85 -3.65 -17.86 26.41
CA THR C 85 -3.90 -18.95 25.48
C THR C 85 -4.68 -18.37 24.30
N PHE C 86 -4.05 -18.39 23.12
CA PHE C 86 -4.51 -17.64 21.96
C PHE C 86 -5.09 -18.57 20.90
N TYR C 87 -6.21 -18.17 20.30
CA TYR C 87 -6.85 -18.92 19.23
C TYR C 87 -7.04 -18.01 18.03
N HIS C 88 -6.42 -18.36 16.90
CA HIS C 88 -6.43 -17.48 15.74
C HIS C 88 -7.80 -17.45 15.05
N GLY C 89 -8.02 -16.37 14.30
CA GLY C 89 -9.19 -16.25 13.45
C GLY C 89 -8.99 -16.95 12.10
N GLY C 90 -10.03 -16.85 11.26
CA GLY C 90 -10.08 -17.57 9.99
C GLY C 90 -11.34 -18.40 9.78
N GLY C 91 -12.40 -18.10 10.50
CA GLY C 91 -13.68 -18.74 10.26
C GLY C 91 -13.77 -20.20 10.67
N PHE C 92 -12.78 -20.68 11.43
CA PHE C 92 -12.52 -22.10 11.70
C PHE C 92 -12.18 -22.89 10.43
N VAL C 93 -11.86 -22.19 9.33
CA VAL C 93 -11.54 -22.82 8.04
C VAL C 93 -10.11 -22.51 7.61
N ILE C 94 -9.66 -21.27 7.80
CA ILE C 94 -8.34 -20.85 7.35
C ILE C 94 -7.57 -20.34 8.57
N GLY C 95 -6.33 -19.90 8.35
CA GLY C 95 -5.46 -19.49 9.42
C GLY C 95 -4.68 -20.66 10.01
N ASP C 96 -3.57 -20.33 10.67
CA ASP C 96 -2.74 -21.34 11.33
C ASP C 96 -1.83 -20.63 12.34
N LEU C 97 -0.75 -21.30 12.76
CA LEU C 97 0.14 -20.66 13.72
C LEU C 97 0.93 -19.52 13.09
N ASP C 98 1.10 -19.52 11.76
CA ASP C 98 1.89 -18.49 11.11
C ASP C 98 1.09 -17.25 10.74
N THR C 99 -0.21 -17.38 10.44
CA THR C 99 -0.98 -16.21 10.04
C THR C 99 -1.10 -15.18 11.16
N HIS C 100 -1.06 -15.64 12.40
CA HIS C 100 -1.21 -14.76 13.56
C HIS C 100 0.07 -14.70 14.37
N HIS C 101 1.19 -15.17 13.80
CA HIS C 101 2.45 -15.28 14.54
C HIS C 101 2.96 -13.91 14.99
N ASN C 102 2.94 -12.93 14.09
CA ASN C 102 3.45 -11.61 14.46
C ASN C 102 2.60 -10.97 15.55
N LEU C 103 1.27 -11.08 15.45
CA LEU C 103 0.41 -10.57 16.52
C LEU C 103 0.75 -11.23 17.86
N CYS C 104 0.97 -12.54 17.86
CA CYS C 104 1.30 -13.26 19.10
C CYS C 104 2.58 -12.73 19.72
N THR C 105 3.61 -12.45 18.90
CA THR C 105 4.84 -11.88 19.44
C THR C 105 4.60 -10.50 20.02
N GLU C 106 3.70 -9.73 19.39
CA GLU C 106 3.36 -8.41 19.90
C GLU C 106 2.62 -8.49 21.23
N ILE C 107 1.61 -9.36 21.32
CA ILE C 107 0.94 -9.57 22.60
C ILE C 107 1.95 -9.98 23.65
N ALA C 108 2.83 -10.91 23.32
CA ALA C 108 3.82 -11.38 24.29
C ALA C 108 4.75 -10.26 24.70
N ALA C 109 5.24 -9.48 23.73
CA ALA C 109 6.16 -8.39 24.04
C ALA C 109 5.49 -7.32 24.87
N LEU C 110 4.27 -6.92 24.50
CA LEU C 110 3.61 -5.80 25.17
C LEU C 110 3.01 -6.21 26.53
N MET C 111 2.52 -7.45 26.67
CA MET C 111 1.97 -7.88 27.94
C MET C 111 3.03 -8.31 28.94
N ASP C 112 4.22 -8.70 28.48
CA ASP C 112 5.20 -9.36 29.35
C ASP C 112 4.56 -10.54 30.07
N LEU C 113 3.90 -11.39 29.30
CA LEU C 113 3.31 -12.63 29.77
C LEU C 113 3.52 -13.68 28.70
N PRO C 114 3.59 -14.95 29.07
CA PRO C 114 3.70 -15.99 28.04
C PRO C 114 2.39 -16.12 27.27
N VAL C 115 2.53 -16.49 26.00
CA VAL C 115 1.40 -16.71 25.08
C VAL C 115 1.57 -18.10 24.49
N VAL C 116 0.51 -18.91 24.56
CA VAL C 116 0.48 -20.20 23.86
C VAL C 116 -0.60 -20.12 22.78
N ALA C 117 -0.18 -20.18 21.52
CA ALA C 117 -1.12 -20.24 20.40
C ALA C 117 -1.48 -21.69 20.07
N VAL C 118 -2.72 -21.89 19.67
CA VAL C 118 -3.26 -23.23 19.44
C VAL C 118 -3.49 -23.45 17.95
N ASP C 119 -2.93 -24.54 17.42
CA ASP C 119 -3.13 -24.93 16.02
C ASP C 119 -4.28 -25.94 15.95
N TYR C 120 -5.50 -25.44 16.17
CA TYR C 120 -6.66 -26.31 16.30
C TYR C 120 -7.09 -26.85 14.93
N ARG C 121 -7.79 -27.98 14.96
CA ARG C 121 -8.31 -28.60 13.74
C ARG C 121 -9.31 -27.70 13.03
N LEU C 122 -9.24 -27.68 11.69
CA LEU C 122 -10.02 -26.79 10.84
C LEU C 122 -11.09 -27.54 10.08
N ALA C 123 -12.18 -26.82 9.77
CA ALA C 123 -13.20 -27.22 8.80
C ALA C 123 -12.75 -26.85 7.36
N PRO C 124 -13.34 -27.48 6.33
CA PRO C 124 -14.40 -28.51 6.34
C PRO C 124 -13.89 -29.90 6.71
N GLU C 125 -12.57 -30.09 6.74
CA GLU C 125 -12.04 -31.41 7.05
C GLU C 125 -12.54 -31.91 8.40
N HIS C 126 -12.54 -31.02 9.41
CA HIS C 126 -13.04 -31.32 10.75
C HIS C 126 -14.14 -30.34 11.12
N PRO C 127 -15.41 -30.71 10.95
CA PRO C 127 -16.52 -29.79 11.26
C PRO C 127 -16.58 -29.46 12.75
N PHE C 128 -17.38 -28.45 13.04
CA PHE C 128 -17.85 -28.15 14.39
C PHE C 128 -18.19 -29.44 15.14
N PRO C 129 -17.76 -29.59 16.39
CA PRO C 129 -16.99 -28.66 17.23
C PRO C 129 -15.49 -28.94 17.30
N ALA C 130 -14.89 -29.47 16.24
CA ALA C 130 -13.48 -29.87 16.32
C ALA C 130 -12.59 -28.75 16.82
N ALA C 131 -12.72 -27.55 16.24
CA ALA C 131 -11.88 -26.44 16.69
C ALA C 131 -12.05 -26.18 18.19
N ILE C 132 -13.30 -26.23 18.67
CA ILE C 132 -13.58 -26.00 20.10
C ILE C 132 -12.92 -27.08 20.94
N GLU C 133 -13.08 -28.36 20.56
CA GLU C 133 -12.42 -29.46 21.27
C GLU C 133 -10.95 -29.18 21.50
N ASP C 134 -10.24 -28.74 20.43
CA ASP C 134 -8.80 -28.54 20.51
C ASP C 134 -8.45 -27.31 21.34
N CYS C 135 -9.20 -26.21 21.16
CA CYS C 135 -8.95 -25.02 21.98
C CYS C 135 -9.18 -25.31 23.46
N GLU C 136 -10.26 -26.02 23.79
CA GLU C 136 -10.52 -26.34 25.19
C GLU C 136 -9.43 -27.25 25.74
N ALA C 137 -9.07 -28.29 24.99
CA ALA C 137 -8.06 -29.22 25.49
C ALA C 137 -6.72 -28.53 25.70
N ALA C 138 -6.32 -27.68 24.75
CA ALA C 138 -5.03 -27.01 24.87
C ALA C 138 -5.03 -26.03 26.05
N THR C 139 -6.16 -25.37 26.28
CA THR C 139 -6.23 -24.43 27.39
C THR C 139 -6.17 -25.14 28.74
N ARG C 140 -6.86 -26.29 28.87
CA ARG C 140 -6.77 -27.10 30.09
C ARG C 140 -5.37 -27.61 30.29
N TRP C 141 -4.71 -28.03 29.22
CA TRP C 141 -3.32 -28.49 29.32
C TRP C 141 -2.43 -27.40 29.87
N VAL C 142 -2.47 -26.21 29.24
CA VAL C 142 -1.68 -25.08 29.72
C VAL C 142 -2.01 -24.79 31.18
N ALA C 143 -3.29 -24.86 31.55
CA ALA C 143 -3.69 -24.57 32.92
C ALA C 143 -3.15 -25.57 33.93
N SER C 144 -2.77 -26.77 33.48
CA SER C 144 -2.20 -27.78 34.37
C SER C 144 -0.72 -27.58 34.65
N SER C 145 -0.09 -26.55 34.08
CA SER C 145 1.33 -26.27 34.26
C SER C 145 2.20 -27.49 33.92
N PRO C 146 2.11 -27.99 32.69
CA PRO C 146 2.93 -29.15 32.32
C PRO C 146 4.40 -28.79 32.26
N SER C 147 5.25 -29.80 32.52
CA SER C 147 6.70 -29.58 32.54
C SER C 147 7.19 -29.10 31.18
N GLU C 148 6.63 -29.63 30.08
CA GLU C 148 7.05 -29.24 28.75
C GLU C 148 6.85 -27.75 28.49
N LEU C 149 5.98 -27.08 29.25
CA LEU C 149 5.74 -25.65 29.04
C LEU C 149 6.86 -24.80 29.61
N GLY C 150 7.45 -25.20 30.74
CA GLY C 150 8.51 -24.42 31.33
C GLY C 150 8.06 -23.18 32.06
N ARG C 151 6.77 -23.04 32.34
CA ARG C 151 6.27 -21.88 33.06
C ARG C 151 5.04 -22.35 33.83
N THR C 152 4.91 -21.90 35.07
CA THR C 152 3.74 -22.27 35.87
C THR C 152 2.64 -21.25 35.66
N ALA C 153 1.41 -21.75 35.51
CA ALA C 153 0.24 -20.91 35.28
C ALA C 153 -0.55 -20.81 36.59
N SER C 154 -0.76 -19.58 37.07
CA SER C 154 -1.68 -19.28 38.14
C SER C 154 -3.09 -19.03 37.64
N GLY C 155 -3.24 -18.86 36.33
CA GLY C 155 -4.51 -18.59 35.69
C GLY C 155 -4.27 -18.61 34.20
N VAL C 156 -5.35 -18.62 33.44
CA VAL C 156 -5.21 -18.57 31.99
C VAL C 156 -6.04 -17.41 31.48
N ILE C 157 -5.62 -16.88 30.34
CA ILE C 157 -6.29 -15.72 29.72
C ILE C 157 -6.62 -16.11 28.29
N PRO C 158 -7.80 -16.67 28.05
CA PRO C 158 -8.21 -16.95 26.66
C PRO C 158 -8.33 -15.65 25.87
N ILE C 159 -7.84 -15.68 24.63
CA ILE C 159 -7.92 -14.53 23.74
C ILE C 159 -7.90 -15.04 22.31
N GLY C 160 -8.60 -14.33 21.44
CA GLY C 160 -8.61 -14.70 20.03
C GLY C 160 -9.38 -13.68 19.22
N ASP C 161 -9.11 -13.68 17.92
CA ASP C 161 -9.79 -12.77 16.99
C ASP C 161 -10.80 -13.55 16.17
N SER C 162 -12.01 -13.00 16.08
CA SER C 162 -13.01 -13.51 15.15
C SER C 162 -13.48 -14.90 15.53
N ALA C 163 -13.24 -15.93 14.69
CA ALA C 163 -13.49 -17.29 15.13
C ALA C 163 -12.72 -17.59 16.42
N GLY C 164 -11.53 -17.01 16.56
CA GLY C 164 -10.79 -17.17 17.81
C GLY C 164 -11.45 -16.47 18.98
N GLY C 165 -12.20 -15.39 18.72
CA GLY C 165 -12.97 -14.76 19.78
C GLY C 165 -14.21 -15.54 20.14
N ASN C 166 -14.82 -16.21 19.15
CA ASN C 166 -15.86 -17.19 19.43
C ASN C 166 -15.30 -18.29 20.33
N ALA C 167 -14.15 -18.85 19.96
CA ALA C 167 -13.53 -19.90 20.77
C ALA C 167 -13.18 -19.41 22.16
N THR C 168 -12.72 -18.15 22.26
CA THR C 168 -12.41 -17.55 23.55
C THR C 168 -13.60 -17.65 24.50
N ILE C 169 -14.78 -17.23 24.03
CA ILE C 169 -15.97 -17.24 24.87
C ILE C 169 -16.40 -18.67 25.20
N VAL C 170 -16.39 -19.55 24.19
CA VAL C 170 -16.82 -20.93 24.39
C VAL C 170 -15.90 -21.60 25.41
N VAL C 171 -14.59 -21.45 25.23
CA VAL C 171 -13.63 -22.03 26.16
C VAL C 171 -13.85 -21.51 27.58
N SER C 172 -14.11 -20.20 27.73
CA SER C 172 -14.35 -19.66 29.07
C SER C 172 -15.61 -20.25 29.68
N GLN C 173 -16.65 -20.48 28.87
CA GLN C 173 -17.87 -21.09 29.39
C GLN C 173 -17.66 -22.55 29.74
N LEU C 174 -16.91 -23.28 28.92
CA LEU C 174 -16.65 -24.69 29.22
C LEU C 174 -15.81 -24.82 30.49
N LEU C 175 -14.78 -23.97 30.64
CA LEU C 175 -13.99 -24.04 31.86
C LEU C 175 -14.78 -23.50 33.05
N GLY C 176 -15.75 -22.62 32.81
CA GLY C 176 -16.59 -22.16 33.89
C GLY C 176 -17.44 -23.28 34.46
N ALA C 177 -18.00 -24.11 33.57
CA ALA C 177 -18.82 -25.24 34.02
C ALA C 177 -17.98 -26.35 34.62
N LYS C 178 -16.76 -26.56 34.13
CA LYS C 178 -15.92 -27.67 34.58
C LYS C 178 -14.49 -27.15 34.69
N PRO C 179 -14.10 -26.67 35.87
CA PRO C 179 -12.87 -25.89 35.98
C PRO C 179 -11.62 -26.67 35.57
N ALA C 180 -10.64 -25.93 35.07
CA ALA C 180 -9.31 -26.47 34.83
C ALA C 180 -8.53 -26.37 36.15
N ASP C 181 -7.22 -26.67 36.13
CA ASP C 181 -6.45 -26.62 37.36
C ASP C 181 -6.37 -25.22 37.97
N VAL C 182 -6.46 -24.19 37.14
CA VAL C 182 -6.51 -22.80 37.59
C VAL C 182 -7.64 -22.11 36.83
N PRO C 183 -8.12 -20.98 37.32
CA PRO C 183 -9.27 -20.34 36.68
C PRO C 183 -8.88 -19.49 35.47
N VAL C 184 -9.89 -19.21 34.65
CA VAL C 184 -9.84 -18.13 33.68
C VAL C 184 -9.89 -16.82 34.45
N VAL C 185 -8.81 -16.02 34.40
CA VAL C 185 -8.78 -14.78 35.16
C VAL C 185 -9.21 -13.58 34.33
N LEU C 186 -9.35 -13.75 33.01
CA LEU C 186 -9.69 -12.68 32.08
C LEU C 186 -9.87 -13.33 30.71
N GLN C 187 -10.87 -12.89 29.96
CA GLN C 187 -11.01 -13.31 28.57
C GLN C 187 -11.07 -12.10 27.67
N VAL C 188 -10.53 -12.23 26.46
CA VAL C 188 -10.43 -11.11 25.53
C VAL C 188 -10.91 -11.56 24.15
N PRO C 189 -12.22 -11.67 23.91
CA PRO C 189 -12.70 -11.98 22.56
C PRO C 189 -12.61 -10.73 21.69
N ILE C 190 -11.91 -10.84 20.56
CA ILE C 190 -11.67 -9.68 19.68
C ILE C 190 -12.45 -9.91 18.39
N PHE C 191 -13.24 -8.89 18.00
CA PHE C 191 -14.36 -8.96 17.07
C PHE C 191 -14.93 -10.38 16.97
N PRO C 192 -15.46 -10.92 18.07
CA PRO C 192 -15.92 -12.32 18.07
C PRO C 192 -17.22 -12.52 17.30
N LEU C 193 -17.47 -13.78 16.93
CA LEU C 193 -18.82 -14.25 16.63
C LEU C 193 -19.44 -14.80 17.91
N ALA C 194 -20.39 -14.08 18.48
CA ALA C 194 -21.05 -14.50 19.71
C ALA C 194 -22.49 -14.90 19.49
N SER C 195 -23.30 -14.02 18.90
CA SER C 195 -24.62 -14.34 18.41
C SER C 195 -24.57 -14.55 16.90
N ASP C 196 -25.56 -15.27 16.38
CA ASP C 196 -25.72 -15.43 14.94
C ASP C 196 -25.80 -14.07 14.25
N ALA C 197 -24.94 -13.84 13.27
CA ALA C 197 -24.93 -12.53 12.63
C ALA C 197 -26.05 -12.34 11.62
N VAL C 198 -26.65 -13.42 11.12
CA VAL C 198 -27.69 -13.29 10.10
C VAL C 198 -28.85 -12.51 10.68
N GLY C 199 -29.37 -11.56 9.90
CA GLY C 199 -30.42 -10.68 10.35
C GLY C 199 -29.97 -9.41 11.03
N SER C 200 -28.68 -9.29 11.37
CA SER C 200 -28.21 -8.11 12.10
C SER C 200 -28.00 -6.93 11.15
N ALA C 201 -28.13 -5.72 11.69
CA ALA C 201 -27.96 -4.52 10.88
C ALA C 201 -26.52 -4.37 10.38
N SER C 202 -25.53 -4.72 11.23
CA SER C 202 -24.15 -4.57 10.78
C SER C 202 -23.80 -5.55 9.67
N LEU C 203 -24.40 -6.74 9.65
CA LEU C 203 -24.13 -7.68 8.56
C LEU C 203 -24.57 -7.10 7.21
N GLU C 204 -25.76 -6.52 7.15
CA GLU C 204 -26.20 -5.93 5.88
C GLU C 204 -25.43 -4.65 5.55
N ALA C 205 -25.14 -3.81 6.55
CA ALA C 205 -24.46 -2.55 6.29
C ALA C 205 -23.05 -2.76 5.77
N PHE C 206 -22.36 -3.81 6.24
CA PHE C 206 -20.95 -4.00 5.90
C PHE C 206 -20.74 -5.32 5.16
N ALA C 207 -21.73 -5.73 4.39
CA ALA C 207 -21.70 -7.02 3.69
C ALA C 207 -20.59 -7.08 2.65
N GLU C 208 -20.21 -5.95 2.06
CA GLU C 208 -19.20 -5.93 1.02
C GLU C 208 -18.28 -4.76 1.23
N GLY C 209 -17.01 -4.94 0.90
CA GLY C 209 -16.07 -3.85 0.88
C GLY C 209 -15.38 -3.52 2.19
N PHE C 210 -15.51 -4.36 3.22
CA PHE C 210 -14.89 -4.07 4.51
C PHE C 210 -14.05 -5.25 5.00
N VAL C 211 -13.19 -5.79 4.11
CA VAL C 211 -12.27 -6.89 4.38
C VAL C 211 -13.05 -8.19 4.57
N LEU C 212 -13.74 -8.34 5.70
CA LEU C 212 -14.61 -9.49 5.93
C LEU C 212 -15.95 -9.25 5.24
N THR C 213 -16.36 -10.18 4.37
CA THR C 213 -17.57 -10.00 3.59
C THR C 213 -18.62 -11.00 4.03
N LYS C 214 -19.88 -10.70 3.67
CA LYS C 214 -20.96 -11.65 3.91
C LYS C 214 -20.72 -12.96 3.18
N ALA C 215 -20.20 -12.90 1.95
CA ALA C 215 -19.90 -14.13 1.23
C ALA C 215 -18.90 -14.99 1.99
N SER C 216 -17.86 -14.37 2.55
CA SER C 216 -16.85 -15.13 3.31
C SER C 216 -17.47 -15.75 4.56
N ILE C 217 -18.28 -14.99 5.30
CA ILE C 217 -18.95 -15.51 6.48
C ILE C 217 -19.80 -16.73 6.12
N GLU C 218 -20.54 -16.63 5.00
CA GLU C 218 -21.34 -17.75 4.52
C GLU C 218 -20.46 -18.93 4.08
N PHE C 219 -19.33 -18.64 3.43
CA PHE C 219 -18.38 -19.71 3.09
C PHE C 219 -17.90 -20.45 4.34
N PHE C 220 -17.51 -19.71 5.39
CA PHE C 220 -17.04 -20.33 6.62
C PHE C 220 -18.16 -21.15 7.28
N ASP C 221 -19.37 -20.60 7.32
CA ASP C 221 -20.49 -21.26 7.98
C ASP C 221 -20.79 -22.61 7.32
N THR C 222 -20.77 -22.66 5.99
CA THR C 222 -21.04 -23.91 5.28
C THR C 222 -19.96 -24.97 5.53
N ALA C 223 -18.72 -24.54 5.76
CA ALA C 223 -17.67 -25.52 6.03
C ALA C 223 -17.73 -26.02 7.47
N TYR C 224 -17.95 -25.11 8.42
CA TYR C 224 -17.86 -25.44 9.84
C TYR C 224 -19.10 -26.16 10.36
N LYS C 225 -20.27 -25.71 9.92
CA LYS C 225 -21.56 -26.34 10.25
C LYS C 225 -21.86 -26.31 11.76
N ALA C 226 -21.69 -25.15 12.38
CA ALA C 226 -22.11 -25.02 13.77
C ALA C 226 -23.64 -25.07 13.90
N ASP C 227 -24.10 -25.75 14.93
CA ASP C 227 -25.53 -25.86 15.20
C ASP C 227 -26.04 -24.55 15.83
N ARG C 228 -27.09 -23.96 15.24
CA ARG C 228 -27.57 -22.66 15.70
C ARG C 228 -28.14 -22.68 17.12
N ALA C 229 -28.52 -23.84 17.64
CA ALA C 229 -29.01 -23.96 19.00
C ALA C 229 -27.92 -24.40 19.97
N ASP C 230 -26.70 -24.58 19.47
CA ASP C 230 -25.63 -25.11 20.29
C ASP C 230 -24.83 -23.96 20.85
N PRO C 231 -24.77 -23.79 22.17
CA PRO C 231 -23.96 -22.71 22.75
C PRO C 231 -22.47 -22.83 22.46
N ARG C 232 -21.97 -24.01 22.07
CA ARG C 232 -20.58 -24.10 21.63
C ARG C 232 -20.38 -23.53 20.23
N GLY C 233 -21.47 -23.32 19.49
CA GLY C 233 -21.40 -22.66 18.20
C GLY C 233 -21.75 -21.18 18.32
N PHE C 234 -22.68 -20.85 19.20
CA PHE C 234 -23.17 -19.48 19.34
C PHE C 234 -23.27 -19.17 20.82
N PRO C 235 -22.16 -18.77 21.44
CA PRO C 235 -22.08 -18.71 22.91
C PRO C 235 -22.90 -17.58 23.54
N ILE C 236 -23.54 -16.71 22.76
CA ILE C 236 -24.56 -15.85 23.34
C ILE C 236 -25.61 -16.68 24.06
N LEU C 237 -25.80 -17.93 23.62
CA LEU C 237 -26.76 -18.88 24.17
C LEU C 237 -26.35 -19.44 25.52
N GLY C 238 -25.09 -19.30 25.91
CA GLY C 238 -24.61 -19.89 27.13
C GLY C 238 -25.01 -19.12 28.38
N ASP C 239 -24.55 -19.64 29.51
CA ASP C 239 -24.84 -19.08 30.83
C ASP C 239 -23.78 -18.02 31.16
N HIS C 240 -24.19 -16.77 31.25
CA HIS C 240 -23.28 -15.66 31.48
C HIS C 240 -23.09 -15.31 32.95
N THR C 241 -23.78 -16.01 33.86
CA THR C 241 -23.88 -15.53 35.24
C THR C 241 -22.56 -15.59 35.99
N ALA C 242 -21.63 -16.44 35.58
CA ALA C 242 -20.33 -16.48 36.23
C ALA C 242 -19.20 -16.19 35.23
N ALA C 243 -19.50 -15.47 34.15
CA ALA C 243 -18.47 -15.20 33.14
C ALA C 243 -17.28 -14.50 33.79
N PRO C 244 -16.05 -14.84 33.39
CA PRO C 244 -14.88 -14.16 33.97
C PRO C 244 -14.84 -12.71 33.55
N PRO C 245 -13.99 -11.90 34.19
CA PRO C 245 -13.77 -10.53 33.69
C PRO C 245 -13.40 -10.56 32.21
N THR C 246 -13.99 -9.63 31.45
CA THR C 246 -13.98 -9.72 30.00
C THR C 246 -13.63 -8.38 29.37
N ILE C 247 -12.87 -8.42 28.28
CA ILE C 247 -12.70 -7.29 27.37
C ILE C 247 -13.27 -7.70 26.02
N VAL C 248 -14.31 -7.00 25.56
CA VAL C 248 -14.85 -7.20 24.22
C VAL C 248 -14.39 -6.06 23.34
N ALA C 249 -13.62 -6.38 22.30
CA ALA C 249 -13.18 -5.39 21.33
C ALA C 249 -13.89 -5.68 20.01
N THR C 250 -14.46 -4.64 19.40
CA THR C 250 -15.11 -4.74 18.11
C THR C 250 -14.57 -3.65 17.19
N ALA C 251 -14.97 -3.73 15.92
CA ALA C 251 -14.65 -2.70 14.94
C ALA C 251 -15.95 -2.09 14.42
N SER C 252 -15.98 -0.76 14.29
CA SER C 252 -17.23 -0.10 13.92
C SER C 252 -17.68 -0.47 12.52
N LEU C 253 -16.79 -0.91 11.65
CA LEU C 253 -17.15 -1.26 10.27
C LEU C 253 -17.27 -2.77 10.06
N ASP C 254 -17.46 -3.51 11.11
CA ASP C 254 -17.44 -4.98 11.01
C ASP C 254 -18.85 -5.52 10.78
N PRO C 255 -19.08 -6.36 9.78
CA PRO C 255 -20.38 -7.04 9.70
C PRO C 255 -20.70 -7.83 10.97
N LEU C 256 -19.70 -8.28 11.73
CA LEU C 256 -19.94 -8.98 13.00
C LEU C 256 -20.01 -8.04 14.19
N ARG C 257 -19.95 -6.72 13.95
CA ARG C 257 -19.95 -5.76 15.04
C ARG C 257 -21.10 -5.98 16.02
N ASP C 258 -22.34 -6.12 15.51
CA ASP C 258 -23.49 -6.22 16.40
C ASP C 258 -23.47 -7.51 17.23
N SER C 259 -22.80 -8.56 16.73
CA SER C 259 -22.63 -9.78 17.51
C SER C 259 -21.80 -9.50 18.75
N GLY C 260 -20.74 -8.69 18.61
CA GLY C 260 -19.93 -8.35 19.76
C GLY C 260 -20.67 -7.43 20.71
N ARG C 261 -21.43 -6.47 20.16
CA ARG C 261 -22.31 -5.64 21.00
C ARG C 261 -23.27 -6.51 21.80
N ASP C 262 -23.88 -7.51 21.15
CA ASP C 262 -24.81 -8.39 21.86
C ASP C 262 -24.14 -9.06 23.04
N TYR C 263 -22.92 -9.56 22.84
CA TYR C 263 -22.29 -10.31 23.92
C TYR C 263 -21.96 -9.39 25.09
N ALA C 264 -21.43 -8.20 24.82
CA ALA C 264 -21.11 -7.27 25.90
C ALA C 264 -22.36 -6.87 26.66
N LYS C 265 -23.46 -6.64 25.95
CA LYS C 265 -24.73 -6.31 26.62
C LYS C 265 -25.19 -7.46 27.49
N ALA C 266 -25.01 -8.70 27.02
CA ALA C 266 -25.40 -9.85 27.83
C ALA C 266 -24.57 -9.96 29.10
N LEU C 267 -23.29 -9.57 29.06
CA LEU C 267 -22.50 -9.61 30.29
C LEU C 267 -22.98 -8.56 31.28
N VAL C 268 -23.20 -7.33 30.83
CA VAL C 268 -23.74 -6.29 31.71
C VAL C 268 -25.07 -6.74 32.30
N GLU C 269 -25.93 -7.33 31.47
CA GLU C 269 -27.24 -7.81 31.92
C GLU C 269 -27.09 -8.84 33.05
N ALA C 270 -26.05 -9.65 33.00
CA ALA C 270 -25.80 -10.63 34.05
C ALA C 270 -24.89 -10.09 35.15
N GLY C 271 -24.62 -8.78 35.15
CA GLY C 271 -23.85 -8.17 36.22
C GLY C 271 -22.37 -8.49 36.24
N ARG C 272 -21.77 -8.81 35.09
CA ARG C 272 -20.36 -9.18 35.02
C ARG C 272 -19.52 -7.97 34.61
N ASP C 273 -18.25 -7.97 35.04
CA ASP C 273 -17.33 -6.88 34.70
C ASP C 273 -16.88 -7.01 33.25
N VAL C 274 -17.09 -5.97 32.45
CA VAL C 274 -16.73 -6.01 31.04
C VAL C 274 -16.23 -4.64 30.58
N VAL C 275 -15.16 -4.64 29.80
CA VAL C 275 -14.71 -3.48 29.03
C VAL C 275 -15.19 -3.67 27.60
N TYR C 276 -15.97 -2.73 27.09
CA TYR C 276 -16.40 -2.75 25.69
C TYR C 276 -15.67 -1.64 24.94
N LEU C 277 -14.87 -2.02 23.94
CA LEU C 277 -14.12 -1.08 23.11
C LEU C 277 -14.51 -1.31 21.66
N GLU C 278 -15.04 -0.27 21.01
CA GLU C 278 -15.45 -0.37 19.62
C GLU C 278 -14.55 0.57 18.82
N MET C 279 -13.60 0.01 18.08
CA MET C 279 -12.61 0.81 17.38
C MET C 279 -13.27 1.53 16.20
N GLU C 280 -13.11 2.84 16.13
CA GLU C 280 -13.88 3.65 15.21
C GLU C 280 -13.13 3.87 13.91
N GLY C 281 -13.80 3.62 12.80
CA GLY C 281 -13.21 3.86 11.50
C GLY C 281 -12.32 2.75 10.96
N VAL C 282 -12.35 1.55 11.57
CA VAL C 282 -11.56 0.42 11.10
C VAL C 282 -12.47 -0.81 11.00
N THR C 283 -11.93 -1.84 10.38
CA THR C 283 -12.70 -3.01 10.01
C THR C 283 -12.33 -4.19 10.90
N HIS C 284 -13.06 -5.28 10.69
CA HIS C 284 -12.60 -6.62 11.03
C HIS C 284 -11.14 -6.81 10.63
N SER C 285 -10.42 -7.68 11.35
CA SER C 285 -9.02 -8.04 11.10
C SER C 285 -8.04 -6.91 11.44
N PHE C 286 -8.45 -5.90 12.22
CA PHE C 286 -7.53 -4.78 12.44
C PHE C 286 -6.31 -5.19 13.24
N THR C 287 -6.36 -6.27 14.03
CA THR C 287 -5.20 -6.68 14.79
C THR C 287 -4.04 -7.19 13.93
N ASN C 288 -4.29 -7.49 12.65
CA ASN C 288 -3.28 -8.15 11.83
C ASN C 288 -2.96 -7.35 10.58
N ILE C 289 -3.34 -6.08 10.53
CA ILE C 289 -3.03 -5.24 9.36
C ILE C 289 -2.31 -3.98 9.82
N ARG C 290 -1.41 -4.14 10.80
CA ARG C 290 -0.89 -2.99 11.54
C ARG C 290 0.19 -2.24 10.79
N ALA C 291 0.76 -2.83 9.73
CA ALA C 291 1.69 -2.10 8.87
C ALA C 291 0.97 -1.36 7.76
N ALA C 292 -0.01 -2.01 7.12
CA ALA C 292 -0.72 -1.40 6.00
C ALA C 292 -1.66 -0.31 6.46
N VAL C 293 -2.22 -0.44 7.66
CA VAL C 293 -3.09 0.56 8.27
C VAL C 293 -2.45 0.92 9.60
N PRO C 294 -1.45 1.81 9.61
CA PRO C 294 -0.65 1.99 10.83
C PRO C 294 -1.43 2.38 12.07
N SER C 295 -2.58 3.05 11.91
CA SER C 295 -3.37 3.44 13.07
C SER C 295 -3.94 2.25 13.83
N THR C 296 -3.97 1.05 13.23
CA THR C 296 -4.49 -0.11 13.95
C THR C 296 -3.52 -0.61 15.02
N GLN C 297 -2.25 -0.24 14.95
CA GLN C 297 -1.34 -0.54 16.05
C GLN C 297 -1.84 0.11 17.34
N GLY C 298 -2.33 1.36 17.25
CA GLY C 298 -2.88 2.01 18.42
C GLY C 298 -4.12 1.31 18.94
N ASP C 299 -4.94 0.76 18.04
CA ASP C 299 -6.10 -0.01 18.47
C ASP C 299 -5.69 -1.22 19.29
N LEU C 300 -4.67 -1.95 18.85
CA LEU C 300 -4.19 -3.09 19.62
C LEU C 300 -3.62 -2.65 20.96
N GLU C 301 -2.95 -1.50 20.99
CA GLU C 301 -2.38 -1.00 22.23
C GLU C 301 -3.45 -0.62 23.25
N ARG C 302 -4.62 -0.16 22.80
CA ARG C 302 -5.72 0.10 23.74
C ARG C 302 -6.22 -1.20 24.38
N ILE C 303 -6.37 -2.25 23.57
CA ILE C 303 -6.72 -3.56 24.11
C ILE C 303 -5.71 -4.00 25.14
N ILE C 304 -4.41 -3.82 24.83
CA ILE C 304 -3.35 -4.19 25.77
C ILE C 304 -3.49 -3.42 27.08
N ALA C 305 -3.72 -2.11 26.99
CA ALA C 305 -3.89 -1.31 28.22
C ALA C 305 -5.10 -1.78 29.01
N ALA C 306 -6.21 -2.08 28.31
CA ALA C 306 -7.38 -2.62 29.00
C ALA C 306 -7.06 -3.93 29.71
N MET C 307 -6.28 -4.80 29.07
CA MET C 307 -5.90 -6.08 29.67
C MET C 307 -5.09 -5.88 30.95
N LYS C 308 -4.07 -5.00 30.91
CA LYS C 308 -3.29 -4.75 32.12
C LYS C 308 -4.16 -4.18 33.22
N MET C 309 -5.04 -3.25 32.86
CA MET C 309 -6.02 -2.71 33.79
C MET C 309 -6.83 -3.83 34.46
N MET C 310 -7.36 -4.76 33.66
CA MET C 310 -8.29 -5.73 34.21
C MET C 310 -7.59 -6.84 35.01
N LEU C 311 -6.26 -6.96 34.94
CA LEU C 311 -5.55 -8.10 35.50
C LEU C 311 -5.22 -8.03 37.01
N GLY C 312 -4.90 -6.89 37.60
CA GLY C 312 -4.79 -5.57 37.03
C GLY C 312 -4.01 -4.73 38.02
N THR D 4 -29.93 -14.88 50.78
CA THR D 4 -29.04 -15.62 49.88
C THR D 4 -28.18 -14.80 48.87
N PRO D 5 -28.43 -13.51 48.64
CA PRO D 5 -27.48 -12.73 47.85
C PRO D 5 -26.16 -12.61 48.58
N PHE D 6 -25.07 -12.66 47.81
CA PHE D 6 -23.76 -12.58 48.42
C PHE D 6 -23.52 -11.21 49.03
N ILE D 7 -22.96 -11.20 50.23
CA ILE D 7 -22.62 -9.97 50.98
C ILE D 7 -21.26 -10.22 51.63
N ARG D 8 -20.32 -9.30 51.41
CA ARG D 8 -19.01 -9.44 52.05
C ARG D 8 -19.17 -9.43 53.57
N PRO D 9 -18.30 -10.11 54.30
CA PRO D 9 -18.41 -10.10 55.78
C PRO D 9 -18.33 -8.71 56.38
N ASP D 10 -17.42 -7.84 55.90
CA ASP D 10 -17.36 -6.51 56.52
C ASP D 10 -18.59 -5.69 56.15
N MET D 11 -19.08 -5.82 54.92
CA MET D 11 -20.31 -5.14 54.51
C MET D 11 -21.51 -5.61 55.35
N LYS D 12 -21.60 -6.91 55.63
CA LYS D 12 -22.73 -7.43 56.38
C LYS D 12 -22.72 -6.91 57.81
N ALA D 13 -21.56 -6.90 58.46
CA ALA D 13 -21.46 -6.35 59.81
C ALA D 13 -21.97 -4.92 59.87
N PHE D 14 -21.69 -4.13 58.83
CA PHE D 14 -22.17 -2.75 58.79
C PHE D 14 -23.68 -2.69 58.66
N LEU D 15 -24.26 -3.53 57.79
CA LEU D 15 -25.71 -3.53 57.63
C LEU D 15 -26.42 -3.97 58.92
N GLU D 16 -25.85 -4.93 59.63
CA GLU D 16 -26.52 -5.38 60.84
C GLU D 16 -26.42 -4.36 61.97
N ALA D 17 -25.29 -3.65 62.09
CA ALA D 17 -25.18 -2.60 63.09
C ALA D 17 -26.14 -1.45 62.77
N ILE D 18 -26.32 -1.15 61.48
CA ILE D 18 -27.36 -0.21 61.08
C ILE D 18 -28.73 -0.75 61.45
N ALA D 19 -28.96 -2.04 61.22
CA ALA D 19 -30.24 -2.64 61.58
C ALA D 19 -30.50 -2.54 63.08
N ALA D 20 -29.46 -2.80 63.90
CA ALA D 20 -29.62 -2.73 65.35
C ALA D 20 -29.92 -1.33 65.82
N MET D 21 -29.38 -0.30 65.15
CA MET D 21 -29.66 1.07 65.55
C MET D 21 -31.11 1.45 65.29
N ALA D 22 -31.72 0.88 64.26
CA ALA D 22 -33.15 0.99 63.99
C ALA D 22 -33.61 2.45 63.94
N GLY D 23 -32.94 3.24 63.12
CA GLY D 23 -33.19 4.66 63.04
C GLY D 23 -34.44 4.97 62.25
N PRO D 24 -34.84 6.24 62.26
CA PRO D 24 -36.03 6.66 61.52
C PRO D 24 -35.75 6.74 60.02
N THR D 25 -36.82 6.60 59.25
CA THR D 25 -36.76 6.84 57.82
C THR D 25 -36.59 8.33 57.54
N LEU D 26 -36.32 8.67 56.29
CA LEU D 26 -36.18 10.07 55.90
C LEU D 26 -37.50 10.81 56.07
N ALA D 27 -38.61 10.14 55.77
CA ALA D 27 -39.92 10.78 55.90
C ALA D 27 -40.25 11.08 57.36
N GLU D 28 -39.77 10.25 58.29
CA GLU D 28 -40.02 10.44 59.71
C GLU D 28 -39.10 11.47 60.36
N MET D 29 -38.19 12.07 59.59
CA MET D 29 -37.32 13.11 60.09
C MET D 29 -37.72 14.45 59.49
N THR D 30 -37.26 15.52 60.11
CA THR D 30 -37.35 16.80 59.44
C THR D 30 -36.27 16.88 58.37
N LEU D 31 -36.49 17.79 57.42
CA LEU D 31 -35.55 17.99 56.33
C LEU D 31 -34.14 18.22 56.85
N GLU D 32 -33.99 19.08 57.87
CA GLU D 32 -32.66 19.36 58.38
C GLU D 32 -32.14 18.23 59.25
N GLU D 33 -33.02 17.46 59.90
CA GLU D 33 -32.58 16.24 60.54
C GLU D 33 -32.08 15.24 59.51
N ALA D 34 -32.78 15.15 58.37
CA ALA D 34 -32.36 14.26 57.29
C ALA D 34 -30.95 14.60 56.82
N ARG D 35 -30.70 15.89 56.54
CA ARG D 35 -29.38 16.30 56.06
C ARG D 35 -28.32 16.06 57.11
N ALA D 36 -28.64 16.30 58.39
CA ALA D 36 -27.65 16.11 59.44
C ALA D 36 -27.29 14.64 59.60
N SER D 37 -28.25 13.73 59.46
CA SER D 37 -27.94 12.32 59.62
C SER D 37 -27.04 11.82 58.49
N TYR D 38 -27.19 12.37 57.28
CA TYR D 38 -26.29 12.04 56.19
C TYR D 38 -24.86 12.49 56.49
N VAL D 39 -24.72 13.71 57.02
CA VAL D 39 -23.40 14.17 57.47
C VAL D 39 -22.83 13.20 58.49
N ALA D 40 -23.67 12.69 59.39
CA ALA D 40 -23.19 11.83 60.46
C ALA D 40 -22.80 10.45 59.93
N LEU D 41 -23.59 9.92 58.99
CA LEU D 41 -23.28 8.65 58.36
C LEU D 41 -21.89 8.67 57.73
N HIS D 42 -21.68 9.56 56.76
CA HIS D 42 -20.37 9.64 56.13
C HIS D 42 -19.29 10.01 57.13
N GLY D 43 -19.64 10.84 58.13
CA GLY D 43 -18.66 11.23 59.14
C GLY D 43 -18.11 10.05 59.91
N MET D 44 -18.97 9.10 60.31
CA MET D 44 -18.48 7.94 61.04
C MET D 44 -17.97 6.84 60.11
N ALA D 45 -18.47 6.77 58.87
CA ALA D 45 -18.25 5.60 58.03
C ALA D 45 -17.11 5.76 57.01
N ASP D 46 -16.77 6.99 56.60
CA ASP D 46 -15.76 7.12 55.57
C ASP D 46 -14.37 7.30 56.16
N ARG D 47 -13.38 6.94 55.36
CA ARG D 47 -12.00 7.15 55.75
C ARG D 47 -11.71 8.65 55.86
N PRO D 48 -10.69 9.03 56.64
CA PRO D 48 -10.39 10.46 56.83
C PRO D 48 -9.95 11.11 55.53
N ALA D 49 -10.05 12.43 55.50
CA ALA D 49 -9.62 13.20 54.34
C ALA D 49 -8.12 13.06 54.11
N ARG D 50 -7.72 13.09 52.85
CA ARG D 50 -6.32 13.13 52.47
C ARG D 50 -5.74 14.52 52.68
N GLU D 51 -4.46 14.57 53.03
CA GLU D 51 -3.72 15.83 53.03
C GLU D 51 -3.45 16.26 51.59
N LEU D 52 -3.78 17.49 51.26
CA LEU D 52 -3.59 18.00 49.90
C LEU D 52 -2.96 19.39 49.95
N ALA D 53 -2.17 19.71 48.92
CA ALA D 53 -1.60 21.05 48.81
C ALA D 53 -2.69 22.12 48.68
N VAL D 54 -3.79 21.82 48.00
CA VAL D 54 -4.83 22.81 47.72
C VAL D 54 -6.19 22.23 48.08
N ILE D 55 -6.90 22.89 49.00
CA ILE D 55 -8.33 22.71 49.21
C ILE D 55 -8.91 24.11 49.35
N ARG D 56 -9.61 24.58 48.33
CA ARG D 56 -9.91 26.01 48.20
C ARG D 56 -11.35 26.18 47.76
N ASN D 57 -12.11 26.99 48.49
CA ASN D 57 -13.46 27.30 48.02
C ASN D 57 -13.37 28.32 46.90
N LEU D 58 -14.24 28.16 45.91
CA LEU D 58 -14.39 29.11 44.82
C LEU D 58 -15.87 29.27 44.55
N SER D 59 -16.21 30.04 43.53
CA SER D 59 -17.59 30.25 43.16
C SER D 59 -17.62 30.56 41.68
N CYS D 60 -18.77 30.37 41.04
CA CYS D 60 -18.85 30.71 39.63
C CYS D 60 -20.26 31.20 39.33
N PRO D 61 -20.43 31.99 38.26
CA PRO D 61 -21.78 32.44 37.88
C PRO D 61 -22.68 31.26 37.53
N GLY D 62 -23.93 31.35 37.99
CA GLY D 62 -24.95 30.40 37.63
C GLY D 62 -26.25 31.08 37.27
N PRO D 63 -27.16 30.37 36.61
CA PRO D 63 -28.38 31.01 36.10
C PRO D 63 -29.33 31.49 37.20
N ALA D 64 -29.10 31.12 38.47
CA ALA D 64 -29.91 31.61 39.57
C ALA D 64 -29.07 32.29 40.64
N GLY D 65 -27.87 32.71 40.30
CA GLY D 65 -26.92 33.21 41.26
C GLY D 65 -25.66 32.35 41.31
N ASP D 66 -24.72 32.80 42.11
CA ASP D 66 -23.41 32.17 42.16
C ASP D 66 -23.51 30.74 42.70
N ILE D 67 -22.74 29.84 42.11
CA ILE D 67 -22.68 28.44 42.53
C ILE D 67 -21.40 28.26 43.34
N PRO D 68 -21.47 27.90 44.62
CA PRO D 68 -20.25 27.61 45.37
C PRO D 68 -19.60 26.31 44.89
N LEU D 69 -18.27 26.29 44.97
CA LEU D 69 -17.46 25.16 44.54
C LEU D 69 -16.32 24.95 45.52
N ARG D 70 -15.72 23.76 45.45
CA ARG D 70 -14.48 23.47 46.18
C ARG D 70 -13.49 22.82 45.23
N LEU D 71 -12.31 23.42 45.12
CA LEU D 71 -11.21 22.85 44.34
C LEU D 71 -10.32 22.00 45.24
N TYR D 72 -9.96 20.81 44.75
CA TYR D 72 -9.04 19.90 45.41
C TYR D 72 -7.88 19.60 44.47
N ASP D 73 -6.66 19.81 44.93
CA ASP D 73 -5.51 19.50 44.10
C ASP D 73 -4.34 19.08 44.96
N ALA D 74 -3.73 17.96 44.60
CA ALA D 74 -2.47 17.54 45.21
C ALA D 74 -1.33 18.50 44.91
N ARG D 75 -1.50 19.41 43.95
CA ARG D 75 -0.43 20.27 43.46
C ARG D 75 -0.90 21.73 43.46
N GLU D 76 -0.05 22.63 43.96
CA GLU D 76 -0.34 24.04 43.83
C GLU D 76 -0.24 24.49 42.38
N SER D 77 0.57 23.81 41.59
CA SER D 77 0.91 24.24 40.24
C SER D 77 1.07 23.00 39.35
N ARG D 78 0.34 22.99 38.23
CA ARG D 78 0.42 21.83 37.31
C ARG D 78 0.25 22.24 35.85
N ALA D 80 -1.34 21.64 32.38
CA ALA D 80 -2.60 21.55 31.64
C ALA D 80 -3.00 20.08 31.45
N GLY D 81 -4.27 19.79 31.72
CA GLY D 81 -4.78 18.43 31.67
C GLY D 81 -6.26 18.40 31.97
N PRO D 82 -6.85 17.21 32.00
CA PRO D 82 -8.27 17.12 32.30
C PRO D 82 -8.55 17.59 33.73
N VAL D 83 -9.75 18.11 33.94
CA VAL D 83 -10.20 18.54 35.26
C VAL D 83 -11.45 17.76 35.62
N ILE D 84 -11.45 17.16 36.80
CA ILE D 84 -12.57 16.36 37.29
C ILE D 84 -13.62 17.29 37.87
N THR D 85 -14.87 17.14 37.43
CA THR D 85 -15.98 17.93 37.95
C THR D 85 -16.95 16.98 38.65
N PHE D 86 -17.01 17.11 39.98
CA PHE D 86 -17.69 16.16 40.86
C PHE D 86 -19.03 16.71 41.35
N TYR D 87 -20.06 15.87 41.31
CA TYR D 87 -21.39 16.19 41.81
C TYR D 87 -21.79 15.15 42.86
N HIS D 88 -22.08 15.61 44.08
CA HIS D 88 -22.31 14.71 45.20
C HIS D 88 -23.65 14.00 45.11
N GLY D 89 -23.75 12.87 45.81
CA GLY D 89 -25.02 12.17 45.94
C GLY D 89 -25.85 12.72 47.09
N GLY D 90 -27.03 12.13 47.25
CA GLY D 90 -28.00 12.58 48.24
C GLY D 90 -29.37 12.90 47.68
N GLY D 91 -29.74 12.23 46.59
CA GLY D 91 -31.09 12.29 46.06
C GLY D 91 -31.49 13.60 45.46
N PHE D 92 -30.54 14.53 45.29
CA PHE D 92 -30.78 15.93 44.98
C PHE D 92 -31.44 16.66 46.14
N VAL D 93 -31.49 16.05 47.33
CA VAL D 93 -32.15 16.61 48.51
C VAL D 93 -31.18 16.82 49.67
N ILE D 94 -30.26 15.87 49.88
CA ILE D 94 -29.32 15.97 50.99
C ILE D 94 -27.90 15.94 50.44
N GLY D 95 -26.91 16.01 51.33
CA GLY D 95 -25.53 16.11 50.92
C GLY D 95 -25.12 17.53 50.53
N ASP D 96 -23.81 17.75 50.51
CA ASP D 96 -23.23 19.04 50.15
C ASP D 96 -21.74 18.86 49.91
N LEU D 97 -20.97 19.96 49.95
CA LEU D 97 -19.53 19.85 49.74
C LEU D 97 -18.83 19.12 50.88
N ASP D 98 -19.43 19.06 52.07
CA ASP D 98 -18.80 18.43 53.22
C ASP D 98 -19.08 16.93 53.30
N THR D 99 -20.28 16.48 52.91
CA THR D 99 -20.60 15.05 52.99
C THR D 99 -19.66 14.21 52.13
N HIS D 100 -19.17 14.75 51.02
CA HIS D 100 -18.33 14.00 50.09
C HIS D 100 -16.91 14.54 50.03
N HIS D 101 -16.56 15.39 51.00
CA HIS D 101 -15.26 16.05 51.02
C HIS D 101 -14.13 15.01 51.02
N ASN D 102 -14.18 14.04 51.93
CA ASN D 102 -13.10 13.07 52.04
C ASN D 102 -12.95 12.25 50.75
N LEU D 103 -14.08 11.84 50.16
CA LEU D 103 -14.03 11.16 48.86
C LEU D 103 -13.33 12.02 47.82
N CYS D 104 -13.67 13.32 47.79
CA CYS D 104 -13.07 14.22 46.81
C CYS D 104 -11.57 14.30 47.03
N THR D 105 -11.11 14.40 48.30
CA THR D 105 -9.67 14.45 48.55
C THR D 105 -9.01 13.14 48.11
N GLU D 106 -9.73 12.03 48.23
CA GLU D 106 -9.16 10.74 47.85
C GLU D 106 -9.03 10.62 46.33
N ILE D 107 -10.05 11.05 45.59
CA ILE D 107 -10.00 11.05 44.14
C ILE D 107 -8.87 11.94 43.64
N ALA D 108 -8.71 13.12 44.23
CA ALA D 108 -7.64 14.02 43.82
C ALA D 108 -6.26 13.44 44.11
N ALA D 109 -6.09 12.85 45.30
CA ALA D 109 -4.79 12.27 45.64
C ALA D 109 -4.46 11.10 44.73
N LEU D 110 -5.44 10.23 44.43
CA LEU D 110 -5.13 9.01 43.70
C LEU D 110 -5.02 9.25 42.20
N MET D 111 -5.78 10.20 41.65
CA MET D 111 -5.68 10.53 40.23
C MET D 111 -4.56 11.50 39.91
N ASP D 112 -4.11 12.30 40.90
CA ASP D 112 -3.19 13.41 40.63
C ASP D 112 -3.75 14.30 39.52
N LEU D 113 -5.04 14.59 39.60
CA LEU D 113 -5.75 15.58 38.80
C LEU D 113 -6.52 16.47 39.76
N PRO D 114 -6.84 17.70 39.35
CA PRO D 114 -7.70 18.55 40.19
C PRO D 114 -9.15 18.10 40.11
N VAL D 115 -9.84 18.29 41.24
CA VAL D 115 -11.24 17.96 41.37
C VAL D 115 -11.96 19.24 41.79
N VAL D 116 -13.04 19.58 41.10
CA VAL D 116 -13.89 20.70 41.46
C VAL D 116 -15.25 20.14 41.79
N ALA D 117 -15.65 20.22 43.06
CA ALA D 117 -16.95 19.74 43.51
C ALA D 117 -17.96 20.87 43.46
N VAL D 118 -19.22 20.53 43.16
CA VAL D 118 -20.25 21.53 42.88
C VAL D 118 -21.30 21.53 43.98
N ASP D 119 -21.52 22.70 44.58
CA ASP D 119 -22.54 22.87 45.61
C ASP D 119 -23.84 23.33 44.94
N TYR D 120 -24.45 22.39 44.22
CA TYR D 120 -25.64 22.69 43.44
C TYR D 120 -26.86 22.82 44.34
N ARG D 121 -27.88 23.51 43.81
CA ARG D 121 -29.11 23.76 44.56
C ARG D 121 -29.89 22.47 44.79
N LEU D 122 -30.47 22.37 45.99
CA LEU D 122 -31.14 21.17 46.45
C LEU D 122 -32.66 21.34 46.46
N ALA D 123 -33.35 20.23 46.20
CA ALA D 123 -34.76 20.09 46.49
C ALA D 123 -34.95 19.79 47.98
N PRO D 124 -36.16 20.01 48.53
CA PRO D 124 -37.40 20.52 47.91
C PRO D 124 -37.40 22.03 47.65
N GLU D 125 -36.43 22.75 48.24
CA GLU D 125 -36.38 24.20 48.03
C GLU D 125 -36.26 24.55 46.54
N HIS D 126 -35.41 23.84 45.81
CA HIS D 126 -35.26 24.06 44.37
C HIS D 126 -35.45 22.73 43.65
N PRO D 127 -36.63 22.47 43.13
CA PRO D 127 -36.89 21.19 42.45
C PRO D 127 -36.22 21.11 41.10
N PHE D 128 -36.32 19.94 40.47
CA PHE D 128 -35.85 19.74 39.11
C PHE D 128 -36.33 20.89 38.22
N PRO D 129 -35.48 21.41 37.33
CA PRO D 129 -34.11 20.98 37.03
C PRO D 129 -32.99 21.77 37.69
N ALA D 130 -33.21 22.38 38.86
CA ALA D 130 -32.22 23.31 39.42
C ALA D 130 -30.85 22.66 39.57
N ALA D 131 -30.80 21.46 40.15
CA ALA D 131 -29.51 20.78 40.34
C ALA D 131 -28.76 20.62 39.04
N ILE D 132 -29.45 20.18 37.99
CA ILE D 132 -28.85 20.02 36.66
C ILE D 132 -28.35 21.35 36.12
N GLU D 133 -29.16 22.40 36.25
CA GLU D 133 -28.73 23.71 35.76
C GLU D 133 -27.39 24.11 36.37
N ASP D 134 -27.23 23.90 37.68
CA ASP D 134 -26.01 24.31 38.36
C ASP D 134 -24.84 23.39 38.00
N CYS D 135 -25.08 22.08 37.98
CA CYS D 135 -24.03 21.15 37.58
C CYS D 135 -23.53 21.47 36.17
N GLU D 136 -24.46 21.76 35.25
CA GLU D 136 -24.04 22.08 33.89
C GLU D 136 -23.24 23.37 33.85
N ALA D 137 -23.74 24.42 34.52
CA ALA D 137 -23.07 25.72 34.46
C ALA D 137 -21.68 25.64 35.07
N ALA D 138 -21.54 24.96 36.21
CA ALA D 138 -20.22 24.84 36.86
C ALA D 138 -19.24 24.07 35.97
N THR D 139 -19.72 23.03 35.28
CA THR D 139 -18.82 22.24 34.43
C THR D 139 -18.37 23.06 33.23
N ARG D 140 -19.29 23.83 32.63
CA ARG D 140 -18.90 24.74 31.55
C ARG D 140 -17.90 25.78 32.03
N TRP D 141 -18.13 26.34 33.22
CA TRP D 141 -17.17 27.31 33.78
C TRP D 141 -15.80 26.68 33.95
N VAL D 142 -15.73 25.50 34.56
CA VAL D 142 -14.44 24.83 34.68
C VAL D 142 -13.84 24.60 33.31
N ALA D 143 -14.66 24.17 32.35
CA ALA D 143 -14.16 23.85 31.02
C ALA D 143 -13.60 25.08 30.29
N SER D 144 -13.94 26.30 30.74
CA SER D 144 -13.40 27.49 30.11
C SER D 144 -12.02 27.86 30.63
N SER D 145 -11.46 27.11 31.59
CA SER D 145 -10.17 27.44 32.18
C SER D 145 -10.13 28.87 32.71
N PRO D 146 -11.03 29.24 33.61
CA PRO D 146 -11.02 30.62 34.10
C PRO D 146 -9.77 30.88 34.94
N SER D 147 -9.35 32.16 34.94
CA SER D 147 -8.16 32.56 35.69
C SER D 147 -8.24 32.11 37.15
N GLU D 148 -9.41 32.25 37.77
CA GLU D 148 -9.59 31.97 39.19
C GLU D 148 -9.43 30.48 39.50
N LEU D 149 -9.50 29.61 38.50
CA LEU D 149 -9.33 28.18 38.76
C LEU D 149 -7.88 27.83 39.05
N GLY D 150 -6.93 28.56 38.45
CA GLY D 150 -5.53 28.36 38.75
C GLY D 150 -4.88 27.19 38.05
N ARG D 151 -5.61 26.50 37.18
CA ARG D 151 -5.00 25.50 36.31
C ARG D 151 -5.84 25.44 35.04
N THR D 152 -5.24 24.92 33.98
CA THR D 152 -5.85 24.92 32.65
C THR D 152 -6.46 23.56 32.39
N ALA D 153 -7.71 23.55 31.92
CA ALA D 153 -8.43 22.31 31.60
C ALA D 153 -8.30 22.02 30.11
N SER D 154 -7.65 20.90 29.78
CA SER D 154 -7.65 20.36 28.42
C SER D 154 -8.92 19.58 28.10
N GLY D 155 -9.73 19.32 29.12
CA GLY D 155 -10.93 18.52 29.02
C GLY D 155 -11.50 18.39 30.41
N VAL D 156 -12.73 17.89 30.49
CA VAL D 156 -13.39 17.74 31.79
C VAL D 156 -13.82 16.29 31.97
N ILE D 157 -13.89 15.87 33.23
CA ILE D 157 -14.32 14.53 33.61
C ILE D 157 -15.48 14.61 34.60
N PRO D 158 -16.72 14.60 34.14
CA PRO D 158 -17.86 14.53 35.07
C PRO D 158 -17.88 13.21 35.82
N ILE D 159 -18.13 13.29 37.13
CA ILE D 159 -18.15 12.14 38.02
C ILE D 159 -19.09 12.48 39.16
N GLY D 160 -19.76 11.46 39.68
CA GLY D 160 -20.62 11.67 40.82
C GLY D 160 -21.28 10.37 41.22
N ASP D 161 -21.67 10.31 42.48
CA ASP D 161 -22.30 9.13 43.04
C ASP D 161 -23.81 9.35 43.10
N SER D 162 -24.55 8.36 42.61
CA SER D 162 -26.00 8.28 42.78
C SER D 162 -26.72 9.42 42.06
N ALA D 163 -27.34 10.35 42.79
CA ALA D 163 -27.88 11.54 42.14
C ALA D 163 -26.79 12.27 41.38
N GLY D 164 -25.57 12.25 41.91
CA GLY D 164 -24.44 12.82 41.20
C GLY D 164 -24.02 12.01 39.99
N GLY D 165 -24.27 10.70 40.00
CA GLY D 165 -24.09 9.91 38.79
C GLY D 165 -25.14 10.22 37.75
N ASN D 166 -26.36 10.53 38.19
CA ASN D 166 -27.40 11.01 37.29
C ASN D 166 -26.98 12.32 36.66
N ALA D 167 -26.47 13.26 37.48
CA ALA D 167 -26.01 14.53 36.95
C ALA D 167 -24.80 14.36 36.04
N THR D 168 -23.93 13.40 36.35
CA THR D 168 -22.79 13.11 35.49
C THR D 168 -23.23 12.84 34.05
N ILE D 169 -24.22 11.98 33.89
CA ILE D 169 -24.68 11.59 32.55
C ILE D 169 -25.40 12.76 31.87
N VAL D 170 -26.30 13.43 32.60
CA VAL D 170 -27.04 14.56 32.04
C VAL D 170 -26.07 15.65 31.57
N VAL D 171 -25.05 15.95 32.38
CA VAL D 171 -24.06 16.95 31.98
C VAL D 171 -23.35 16.51 30.69
N SER D 172 -22.91 15.25 30.62
CA SER D 172 -22.25 14.77 29.41
C SER D 172 -23.14 14.92 28.20
N GLN D 173 -24.44 14.65 28.35
CA GLN D 173 -25.37 14.81 27.24
C GLN D 173 -25.55 16.28 26.86
N LEU D 174 -25.70 17.17 27.85
CA LEU D 174 -25.91 18.57 27.54
C LEU D 174 -24.68 19.16 26.88
N LEU D 175 -23.50 18.80 27.40
CA LEU D 175 -22.27 19.27 26.79
C LEU D 175 -22.03 18.62 25.43
N GLY D 176 -22.50 17.40 25.23
CA GLY D 176 -22.42 16.78 23.91
C GLY D 176 -23.29 17.50 22.89
N ALA D 177 -24.48 17.94 23.31
CA ALA D 177 -25.36 18.65 22.39
C ALA D 177 -24.87 20.06 22.13
N LYS D 178 -24.28 20.70 23.14
CA LYS D 178 -23.77 22.07 23.01
C LYS D 178 -22.41 22.12 23.70
N PRO D 179 -21.33 21.95 22.94
CA PRO D 179 -20.00 21.79 23.54
C PRO D 179 -19.57 22.97 24.40
N ALA D 180 -18.88 22.66 25.50
CA ALA D 180 -18.15 23.66 26.26
C ALA D 180 -16.82 23.92 25.55
N ASP D 181 -15.94 24.72 26.16
CA ASP D 181 -14.69 25.09 25.50
C ASP D 181 -13.79 23.88 25.26
N VAL D 182 -13.90 22.86 26.09
CA VAL D 182 -13.14 21.62 25.92
C VAL D 182 -14.11 20.48 26.07
N PRO D 183 -13.79 19.31 25.52
CA PRO D 183 -14.75 18.20 25.54
C PRO D 183 -14.77 17.46 26.88
N VAL D 184 -15.88 16.77 27.11
CA VAL D 184 -15.93 15.71 28.11
C VAL D 184 -15.07 14.55 27.59
N VAL D 185 -13.94 14.28 28.25
CA VAL D 185 -13.07 13.22 27.76
C VAL D 185 -13.34 11.88 28.43
N LEU D 186 -14.17 11.86 29.46
CA LEU D 186 -14.48 10.65 30.22
C LEU D 186 -15.56 11.03 31.22
N GLN D 187 -16.55 10.16 31.41
CA GLN D 187 -17.51 10.35 32.49
C GLN D 187 -17.54 9.11 33.37
N VAL D 188 -17.76 9.33 34.66
CA VAL D 188 -17.74 8.26 35.65
C VAL D 188 -19.01 8.31 36.50
N PRO D 189 -20.16 7.87 35.97
CA PRO D 189 -21.36 7.75 36.82
C PRO D 189 -21.23 6.57 37.77
N ILE D 190 -21.27 6.85 39.07
CA ILE D 190 -21.13 5.83 40.11
C ILE D 190 -22.49 5.61 40.76
N PHE D 191 -22.89 4.33 40.85
CA PHE D 191 -24.26 3.85 41.04
C PHE D 191 -25.30 4.90 40.64
N PRO D 192 -25.37 5.25 39.35
CA PRO D 192 -26.26 6.33 38.92
C PRO D 192 -27.73 5.93 38.88
N LEU D 193 -28.59 6.93 39.06
CA LEU D 193 -29.97 6.82 38.63
C LEU D 193 -29.99 7.28 37.17
N ALA D 194 -30.11 6.31 36.25
CA ALA D 194 -30.16 6.62 34.82
C ALA D 194 -31.53 6.33 34.23
N SER D 195 -32.07 5.16 34.54
CA SER D 195 -33.44 4.79 34.19
C SER D 195 -34.27 4.74 35.46
N ASP D 196 -35.56 5.07 35.31
CA ASP D 196 -36.52 5.00 36.39
C ASP D 196 -36.48 3.62 37.07
N ALA D 197 -36.19 3.60 38.37
CA ALA D 197 -35.99 2.34 39.06
C ALA D 197 -37.30 1.55 39.21
N VAL D 198 -38.44 2.25 39.25
CA VAL D 198 -39.71 1.59 39.52
C VAL D 198 -39.98 0.54 38.46
N GLY D 199 -40.28 -0.68 38.91
CA GLY D 199 -40.42 -1.83 38.06
C GLY D 199 -39.19 -2.72 38.00
N SER D 200 -38.01 -2.20 38.32
CA SER D 200 -36.80 -2.98 38.19
C SER D 200 -36.77 -4.08 39.24
N ALA D 201 -36.20 -5.23 38.86
CA ALA D 201 -36.03 -6.32 39.80
C ALA D 201 -35.10 -5.92 40.95
N SER D 202 -34.06 -5.12 40.68
CA SER D 202 -33.14 -4.78 41.77
C SER D 202 -33.85 -3.94 42.84
N LEU D 203 -34.77 -3.05 42.42
CA LEU D 203 -35.45 -2.21 43.40
C LEU D 203 -36.23 -3.06 44.41
N GLU D 204 -36.92 -4.10 43.94
CA GLU D 204 -37.66 -4.96 44.84
C GLU D 204 -36.75 -5.85 45.67
N ALA D 205 -35.73 -6.45 45.04
CA ALA D 205 -34.86 -7.36 45.77
C ALA D 205 -34.12 -6.66 46.90
N PHE D 206 -33.80 -5.38 46.75
CA PHE D 206 -33.02 -4.64 47.74
C PHE D 206 -33.78 -3.45 48.30
N ALA D 207 -35.11 -3.56 48.38
CA ALA D 207 -35.94 -2.45 48.85
C ALA D 207 -35.64 -2.05 50.28
N GLU D 208 -35.17 -2.97 51.11
CA GLU D 208 -34.92 -2.67 52.50
C GLU D 208 -33.63 -3.32 52.93
N GLY D 209 -32.93 -2.65 53.84
CA GLY D 209 -31.77 -3.22 54.51
C GLY D 209 -30.44 -3.07 53.81
N PHE D 210 -30.37 -2.33 52.71
CA PHE D 210 -29.09 -2.19 52.01
C PHE D 210 -28.64 -0.73 51.91
N VAL D 211 -28.64 -0.01 53.04
CA VAL D 211 -28.21 1.38 53.12
C VAL D 211 -29.21 2.28 52.40
N LEU D 212 -29.29 2.19 51.07
CA LEU D 212 -30.31 2.92 50.31
C LEU D 212 -31.57 2.08 50.19
N THR D 213 -32.70 2.66 50.56
CA THR D 213 -33.96 1.93 50.60
C THR D 213 -34.93 2.46 49.56
N LYS D 214 -35.92 1.63 49.24
CA LYS D 214 -37.01 2.05 48.38
C LYS D 214 -37.70 3.29 48.94
N ALA D 215 -37.99 3.30 50.24
CA ALA D 215 -38.65 4.45 50.86
C ALA D 215 -37.83 5.73 50.65
N SER D 216 -36.51 5.65 50.79
CA SER D 216 -35.69 6.84 50.57
C SER D 216 -35.78 7.31 49.12
N ILE D 217 -35.71 6.37 48.17
CA ILE D 217 -35.81 6.71 46.75
C ILE D 217 -37.11 7.45 46.45
N GLU D 218 -38.21 6.97 47.04
CA GLU D 218 -39.49 7.65 46.87
C GLU D 218 -39.49 9.02 47.52
N PHE D 219 -38.90 9.13 48.73
CA PHE D 219 -38.77 10.42 49.40
C PHE D 219 -38.00 11.43 48.53
N PHE D 220 -36.86 11.02 47.98
CA PHE D 220 -36.10 11.93 47.11
C PHE D 220 -36.88 12.30 45.87
N ASP D 221 -37.55 11.31 45.28
CA ASP D 221 -38.31 11.55 44.05
C ASP D 221 -39.42 12.58 44.28
N THR D 222 -40.17 12.43 45.37
CA THR D 222 -41.27 13.37 45.64
C THR D 222 -40.74 14.78 45.89
N ALA D 223 -39.57 14.91 46.52
CA ALA D 223 -39.01 16.24 46.73
C ALA D 223 -38.48 16.84 45.43
N TYR D 224 -37.72 16.05 44.66
CA TYR D 224 -37.07 16.59 43.47
C TYR D 224 -38.05 16.79 42.33
N LYS D 225 -39.04 15.92 42.20
CA LYS D 225 -40.09 16.04 41.19
C LYS D 225 -39.52 16.13 39.77
N ALA D 226 -38.67 15.16 39.41
CA ALA D 226 -38.16 15.12 38.05
C ALA D 226 -39.26 14.67 37.07
N ASP D 227 -39.30 15.32 35.92
CA ASP D 227 -40.19 14.96 34.83
C ASP D 227 -39.75 13.62 34.23
N ARG D 228 -40.66 12.64 34.26
CA ARG D 228 -40.31 11.28 33.84
C ARG D 228 -40.09 11.14 32.35
N ALA D 229 -40.49 12.11 31.54
CA ALA D 229 -40.25 12.09 30.11
C ALA D 229 -39.05 12.93 29.72
N ASP D 230 -38.39 13.55 30.68
CA ASP D 230 -37.30 14.49 30.41
C ASP D 230 -35.96 13.79 30.54
N PRO D 231 -35.13 13.79 29.49
CA PRO D 231 -33.80 13.17 29.62
C PRO D 231 -32.92 13.84 30.66
N ARG D 232 -33.15 15.12 30.96
CA ARG D 232 -32.40 15.73 32.05
C ARG D 232 -32.78 15.15 33.42
N GLY D 233 -33.93 14.49 33.50
CA GLY D 233 -34.30 13.80 34.71
C GLY D 233 -33.95 12.33 34.67
N PHE D 234 -34.13 11.71 33.51
CA PHE D 234 -33.91 10.27 33.34
C PHE D 234 -33.08 10.07 32.09
N PRO D 235 -31.75 10.17 32.21
CA PRO D 235 -30.88 10.28 31.02
C PRO D 235 -30.80 9.00 30.17
N ILE D 236 -31.39 7.87 30.60
CA ILE D 236 -31.53 6.73 29.71
C ILE D 236 -32.30 7.12 28.45
N LEU D 237 -33.11 8.18 28.53
CA LEU D 237 -33.89 8.65 27.40
C LEU D 237 -33.08 9.53 26.47
N GLY D 238 -31.83 9.85 26.81
CA GLY D 238 -31.05 10.74 26.00
C GLY D 238 -30.50 10.08 24.75
N ASP D 239 -29.79 10.88 23.97
CA ASP D 239 -29.12 10.44 22.76
C ASP D 239 -27.74 9.89 23.14
N HIS D 240 -27.57 8.58 23.03
CA HIS D 240 -26.30 7.96 23.40
C HIS D 240 -25.30 7.88 22.25
N THR D 241 -25.69 8.29 21.03
CA THR D 241 -24.85 8.00 19.87
C THR D 241 -23.49 8.67 19.94
N ALA D 242 -23.35 9.74 20.72
CA ALA D 242 -22.05 10.39 20.87
C ALA D 242 -21.63 10.47 22.33
N ALA D 243 -22.05 9.52 23.15
CA ALA D 243 -21.64 9.52 24.54
C ALA D 243 -20.12 9.50 24.64
N PRO D 244 -19.53 10.23 25.59
CA PRO D 244 -18.09 10.16 25.80
C PRO D 244 -17.67 8.81 26.35
N PRO D 245 -16.38 8.47 26.33
CA PRO D 245 -15.92 7.26 27.04
C PRO D 245 -16.43 7.26 28.48
N THR D 246 -16.87 6.10 28.93
CA THR D 246 -17.68 5.99 30.15
C THR D 246 -17.21 4.84 31.01
N ILE D 247 -17.16 5.10 32.32
CA ILE D 247 -17.01 4.07 33.32
C ILE D 247 -18.27 4.08 34.17
N VAL D 248 -19.08 3.02 34.06
CA VAL D 248 -20.24 2.85 34.92
C VAL D 248 -19.87 1.89 36.04
N ALA D 249 -19.90 2.37 37.27
CA ALA D 249 -19.67 1.51 38.43
C ALA D 249 -20.98 1.35 39.19
N THR D 250 -21.32 0.10 39.51
CA THR D 250 -22.54 -0.19 40.27
C THR D 250 -22.19 -1.09 41.44
N ALA D 251 -23.20 -1.39 42.25
CA ALA D 251 -23.07 -2.30 43.38
C ALA D 251 -24.09 -3.42 43.25
N SER D 252 -23.70 -4.64 43.59
CA SER D 252 -24.57 -5.78 43.36
C SER D 252 -25.78 -5.81 44.29
N LEU D 253 -25.71 -5.11 45.43
CA LEU D 253 -26.80 -5.10 46.42
C LEU D 253 -27.58 -3.79 46.40
N ASP D 254 -27.62 -3.10 45.26
CA ASP D 254 -28.17 -1.77 45.13
C ASP D 254 -29.56 -1.82 44.52
N PRO D 255 -30.59 -1.23 45.13
CA PRO D 255 -31.88 -1.14 44.44
C PRO D 255 -31.77 -0.48 43.08
N LEU D 256 -30.82 0.44 42.89
CA LEU D 256 -30.57 1.10 41.62
C LEU D 256 -29.60 0.35 40.72
N ARG D 257 -29.14 -0.84 41.12
CA ARG D 257 -28.21 -1.60 40.30
C ARG D 257 -28.71 -1.74 38.86
N ASP D 258 -29.97 -2.14 38.69
CA ASP D 258 -30.48 -2.42 37.34
C ASP D 258 -30.51 -1.18 36.45
N SER D 259 -30.67 0.01 37.05
CA SER D 259 -30.62 1.25 36.27
C SER D 259 -29.22 1.47 35.68
N GLY D 260 -28.17 1.18 36.46
CA GLY D 260 -26.82 1.31 35.94
C GLY D 260 -26.51 0.26 34.88
N ARG D 261 -27.00 -0.96 35.07
CA ARG D 261 -26.92 -1.97 34.00
C ARG D 261 -27.59 -1.48 32.72
N ASP D 262 -28.82 -0.97 32.84
CA ASP D 262 -29.52 -0.44 31.67
C ASP D 262 -28.67 0.58 30.92
N TYR D 263 -28.06 1.51 31.66
CA TYR D 263 -27.35 2.58 31.00
C TYR D 263 -26.13 2.05 30.26
N ALA D 264 -25.30 1.23 30.93
CA ALA D 264 -24.14 0.64 30.29
C ALA D 264 -24.54 -0.19 29.06
N LYS D 265 -25.65 -0.93 29.15
CA LYS D 265 -26.15 -1.65 27.99
C LYS D 265 -26.50 -0.70 26.86
N ALA D 266 -27.14 0.42 27.17
CA ALA D 266 -27.52 1.37 26.14
C ALA D 266 -26.30 1.95 25.44
N LEU D 267 -25.21 2.19 26.19
CA LEU D 267 -23.98 2.66 25.59
C LEU D 267 -23.40 1.65 24.61
N VAL D 268 -23.33 0.38 25.03
CA VAL D 268 -22.84 -0.67 24.14
C VAL D 268 -23.72 -0.76 22.89
N GLU D 269 -25.05 -0.76 23.08
CA GLU D 269 -25.96 -0.78 21.95
C GLU D 269 -25.65 0.35 20.97
N ALA D 270 -25.22 1.51 21.48
CA ALA D 270 -24.88 2.65 20.64
C ALA D 270 -23.43 2.61 20.17
N GLY D 271 -22.68 1.57 20.50
CA GLY D 271 -21.31 1.47 20.04
C GLY D 271 -20.33 2.38 20.73
N ARG D 272 -20.61 2.76 21.98
CA ARG D 272 -19.72 3.64 22.74
C ARG D 272 -18.82 2.80 23.64
N ASP D 273 -17.59 3.29 23.84
CA ASP D 273 -16.65 2.62 24.74
C ASP D 273 -17.12 2.75 26.18
N VAL D 274 -17.17 1.64 26.91
CA VAL D 274 -17.63 1.69 28.29
C VAL D 274 -16.98 0.58 29.10
N VAL D 275 -16.52 0.93 30.29
CA VAL D 275 -16.12 -0.03 31.31
C VAL D 275 -17.30 -0.18 32.26
N TYR D 276 -17.84 -1.40 32.39
CA TYR D 276 -18.90 -1.69 33.35
C TYR D 276 -18.30 -2.47 34.51
N LEU D 277 -18.33 -1.89 35.72
CA LEU D 277 -17.82 -2.54 36.93
C LEU D 277 -18.97 -2.69 37.91
N GLU D 278 -19.28 -3.93 38.29
CA GLU D 278 -20.34 -4.20 39.27
C GLU D 278 -19.67 -4.80 40.51
N MET D 279 -19.53 -3.99 41.57
CA MET D 279 -18.85 -4.42 42.79
C MET D 279 -19.68 -5.47 43.52
N GLU D 280 -19.04 -6.60 43.84
CA GLU D 280 -19.74 -7.79 44.34
C GLU D 280 -19.81 -7.77 45.86
N GLY D 281 -21.04 -7.85 46.38
CA GLY D 281 -21.23 -8.01 47.81
C GLY D 281 -21.22 -6.74 48.61
N VAL D 282 -21.45 -5.58 47.97
CA VAL D 282 -21.53 -4.30 48.66
C VAL D 282 -22.73 -3.55 48.12
N THR D 283 -23.04 -2.46 48.80
CA THR D 283 -24.27 -1.72 48.60
C THR D 283 -23.99 -0.42 47.89
N HIS D 284 -25.07 0.26 47.54
CA HIS D 284 -25.08 1.71 47.34
C HIS D 284 -24.25 2.42 48.41
N SER D 285 -23.61 3.53 48.03
CA SER D 285 -22.80 4.42 48.88
C SER D 285 -21.44 3.84 49.23
N PHE D 286 -20.97 2.79 48.54
CA PHE D 286 -19.70 2.19 48.94
C PHE D 286 -18.53 3.16 48.82
N THR D 287 -18.63 4.20 47.99
CA THR D 287 -17.55 5.16 47.88
C THR D 287 -17.33 5.96 49.17
N ASN D 288 -18.30 5.97 50.09
CA ASN D 288 -18.22 6.83 51.27
C ASN D 288 -18.27 6.06 52.58
N ILE D 289 -18.09 4.74 52.57
CA ILE D 289 -18.12 3.96 53.80
C ILE D 289 -16.80 3.20 53.90
N ARG D 290 -15.72 3.84 53.47
CA ARG D 290 -14.45 3.14 53.30
C ARG D 290 -13.72 2.88 54.61
N ALA D 291 -14.18 3.44 55.73
CA ALA D 291 -13.61 3.07 57.02
C ALA D 291 -14.45 1.98 57.70
N ALA D 292 -15.77 2.12 57.65
CA ALA D 292 -16.63 1.13 58.30
C ALA D 292 -16.62 -0.19 57.55
N VAL D 293 -16.39 -0.15 56.24
CA VAL D 293 -16.35 -1.35 55.39
C VAL D 293 -15.04 -1.27 54.61
N PRO D 294 -13.91 -1.66 55.21
CA PRO D 294 -12.61 -1.34 54.60
C PRO D 294 -12.40 -1.93 53.22
N SER D 295 -13.13 -2.98 52.84
CA SER D 295 -12.97 -3.50 51.49
C SER D 295 -13.50 -2.57 50.41
N THR D 296 -14.32 -1.57 50.78
CA THR D 296 -14.81 -0.63 49.77
C THR D 296 -13.72 0.33 49.27
N GLN D 297 -12.63 0.49 50.00
CA GLN D 297 -11.50 1.25 49.49
C GLN D 297 -10.93 0.60 48.23
N GLY D 298 -10.80 -0.74 48.25
CA GLY D 298 -10.42 -1.46 47.07
C GLY D 298 -11.38 -1.26 45.90
N ASP D 299 -12.68 -1.18 46.19
CA ASP D 299 -13.64 -0.90 45.11
C ASP D 299 -13.36 0.45 44.47
N LEU D 300 -13.11 1.47 45.29
CA LEU D 300 -12.82 2.78 44.72
C LEU D 300 -11.52 2.75 43.92
N GLU D 301 -10.53 2.02 44.41
CA GLU D 301 -9.25 1.99 43.72
C GLU D 301 -9.36 1.29 42.37
N ARG D 302 -10.34 0.38 42.21
CA ARG D 302 -10.58 -0.20 40.90
C ARG D 302 -11.17 0.82 39.94
N ILE D 303 -12.07 1.68 40.43
CA ILE D 303 -12.61 2.75 39.60
C ILE D 303 -11.49 3.69 39.17
N ILE D 304 -10.62 4.05 40.11
CA ILE D 304 -9.45 4.87 39.80
C ILE D 304 -8.60 4.22 38.70
N ALA D 305 -8.27 2.93 38.86
CA ALA D 305 -7.44 2.27 37.85
C ALA D 305 -8.11 2.28 36.48
N ALA D 306 -9.43 2.06 36.44
CA ALA D 306 -10.16 2.14 35.17
C ALA D 306 -10.12 3.55 34.60
N MET D 307 -10.22 4.58 35.46
CA MET D 307 -10.16 5.95 34.98
C MET D 307 -8.80 6.25 34.35
N LYS D 308 -7.72 5.80 34.99
CA LYS D 308 -6.39 6.02 34.42
C LYS D 308 -6.26 5.32 33.09
N MET D 309 -6.71 4.07 32.99
CA MET D 309 -6.64 3.35 31.73
C MET D 309 -7.42 4.09 30.64
N MET D 310 -8.63 4.55 30.97
CA MET D 310 -9.48 5.15 29.95
C MET D 310 -9.00 6.54 29.50
N LEU D 311 -8.02 7.14 30.17
CA LEU D 311 -7.65 8.54 29.90
C LEU D 311 -6.58 8.73 28.82
N GLY D 312 -5.49 7.95 28.72
CA GLY D 312 -4.98 7.00 29.66
C GLY D 312 -3.46 7.11 29.71
#